data_3TGO
#
_entry.id   3TGO
#
_cell.length_a   73.780
_cell.length_b   133.380
_cell.length_c   144.992
_cell.angle_alpha   90.00
_cell.angle_beta   100.15
_cell.angle_gamma   90.00
#
_symmetry.space_group_name_H-M   'I 1 2 1'
#
loop_
_entity.id
_entity.type
_entity.pdbx_description
1 polymer 'UPF0169 lipoprotein yfiO'
2 polymer 'Lipoprotein 34'
3 non-polymer 'POTASSIUM ION'
4 non-polymer GLYCEROL
5 non-polymer 'CHLORIDE ION'
6 non-polymer 'PHOSPHATE ION'
7 non-polymer 'SODIUM ION'
8 water water
#
loop_
_entity_poly.entity_id
_entity_poly.type
_entity_poly.pdbx_seq_one_letter_code
_entity_poly.pdbx_strand_id
1 'polypeptide(L)'
;GSHMSGSKEEVPDNPPNEIYATAQQKLQDGNWRQAITQLEALDNRYPFGPYSQQVQLDLIYAYYKNADLPLAQAAIDRFI
RLNPTHPNIDYVMYMRGLTNMALDDSALQGFFGVDRSDRDPQHARAAFSDFSKLVRGYPNSQYTTDATKRLVFLKDRLAK
YEYSVAEYYTERGAWVAVVNRVEGMLRDYPDTQATRDALPLMENAYRQMQMNAQAEKVAKIIAANSSNT
;
A,B
2 'polypeptide(L)'
;GSHMSSDSRYKRQVSGDEAYLEAAPLAELHAPAGMILPVTSGDYAIPVTNGSGAVGKALDIRPPAQPLALVSGARTQFTG
DTASLLVENGRGNTLWPQVVSVLQAKNYTITQRDDAGQTLTTDWVQWNRLDEDEQYRGRYQISVKPQGYQQAVTVKLLNL
EQAGKPVADAASMQRYSTEMMNVISAGLDKSATDAANAAQNRASTTMDVQSAADDTGLPMLVVRGPFNVVWQRLPAALEK
VGMKVTDSTRSQGNMAVTYKPLSDSDWQELGASDPGLASGDYKLQVGDLDNRSSLQFIDPKGHTLTQSQNDALVAVFQAA
FSK
;
C,D
#
# COMPACT_ATOMS: atom_id res chain seq x y z
N GLU A 10 -35.33 9.83 -30.59
CA GLU A 10 -35.03 11.20 -31.07
C GLU A 10 -35.68 12.24 -30.18
N VAL A 11 -34.89 12.76 -29.24
CA VAL A 11 -35.36 13.76 -28.30
C VAL A 11 -35.65 15.08 -29.01
N PRO A 12 -36.80 15.69 -28.68
CA PRO A 12 -37.24 16.98 -29.27
C PRO A 12 -36.30 18.15 -28.94
N ASP A 13 -36.61 19.33 -29.45
CA ASP A 13 -35.69 20.43 -29.41
C ASP A 13 -36.05 21.49 -28.34
N ASN A 14 -36.37 21.04 -27.13
CA ASN A 14 -36.70 21.96 -26.04
C ASN A 14 -35.47 22.59 -25.40
N PRO A 15 -35.68 23.56 -24.49
CA PRO A 15 -34.55 24.17 -23.74
C PRO A 15 -33.86 23.21 -22.74
N PRO A 16 -32.54 23.34 -22.55
CA PRO A 16 -31.78 22.40 -21.69
C PRO A 16 -32.53 22.05 -20.40
N ASN A 17 -33.03 23.08 -19.71
CA ASN A 17 -33.63 22.92 -18.39
C ASN A 17 -34.92 22.06 -18.39
N GLU A 18 -35.77 22.27 -19.39
CA GLU A 18 -36.94 21.43 -19.54
C GLU A 18 -36.55 19.97 -19.80
N ILE A 19 -35.41 19.77 -20.48
CA ILE A 19 -34.97 18.40 -20.78
C ILE A 19 -34.42 17.73 -19.53
N TYR A 20 -33.68 18.51 -18.74
CA TYR A 20 -33.22 18.00 -17.45
C TYR A 20 -34.41 17.64 -16.58
N ALA A 21 -35.36 18.56 -16.44
CA ALA A 21 -36.56 18.28 -15.70
C ALA A 21 -37.20 16.96 -16.15
N THR A 22 -37.24 16.74 -17.45
CA THR A 22 -37.85 15.55 -17.98
C THR A 22 -36.99 14.38 -17.58
N ALA A 23 -35.67 14.58 -17.69
CA ALA A 23 -34.74 13.52 -17.46
C ALA A 23 -34.86 13.09 -16.01
N GLN A 24 -34.88 14.07 -15.10
CA GLN A 24 -35.08 13.79 -13.70
C GLN A 24 -36.32 12.92 -13.42
N GLN A 25 -37.45 13.21 -14.06
CA GLN A 25 -38.67 12.44 -13.80
C GLN A 25 -38.55 11.01 -14.28
N LYS A 26 -37.98 10.83 -15.46
CA LYS A 26 -37.81 9.49 -15.99
C LYS A 26 -36.86 8.72 -15.10
N LEU A 27 -35.88 9.44 -14.55
CA LEU A 27 -34.91 8.88 -13.60
C LEU A 27 -35.59 8.37 -12.34
N GLN A 28 -36.26 9.28 -11.64
CA GLN A 28 -37.00 8.89 -10.46
C GLN A 28 -38.04 7.79 -10.77
N ASP A 29 -38.51 7.75 -12.02
CA ASP A 29 -39.47 6.75 -12.40
C ASP A 29 -38.88 5.36 -12.43
N GLY A 30 -37.55 5.27 -12.39
CA GLY A 30 -36.87 4.00 -12.56
C GLY A 30 -36.84 3.60 -14.02
N ASN A 31 -37.11 4.57 -14.88
CA ASN A 31 -37.27 4.35 -16.32
C ASN A 31 -35.99 4.68 -17.10
N TRP A 32 -35.03 3.76 -17.04
CA TRP A 32 -33.63 4.07 -17.35
C TRP A 32 -33.38 4.48 -18.79
N ARG A 33 -33.81 3.65 -19.74
CA ARG A 33 -33.57 3.92 -21.16
C ARG A 33 -33.97 5.35 -21.52
N GLN A 34 -35.17 5.75 -21.12
CA GLN A 34 -35.66 7.08 -21.40
C GLN A 34 -34.82 8.19 -20.77
N ALA A 35 -34.39 7.99 -19.53
CA ALA A 35 -33.50 8.95 -18.91
C ALA A 35 -32.18 9.05 -19.72
N ILE A 36 -31.63 7.89 -20.07
CA ILE A 36 -30.41 7.87 -20.85
C ILE A 36 -30.51 8.64 -22.19
N THR A 37 -31.59 8.38 -22.93
CA THR A 37 -31.88 9.16 -24.14
C THR A 37 -31.84 10.67 -23.88
N GLN A 38 -32.59 11.10 -22.87
CA GLN A 38 -32.68 12.52 -22.51
C GLN A 38 -31.34 13.10 -22.12
N LEU A 39 -30.66 12.39 -21.22
CA LEU A 39 -29.41 12.86 -20.67
C LEU A 39 -28.35 12.91 -21.73
N GLU A 40 -28.28 11.86 -22.54
CA GLU A 40 -27.42 11.81 -23.65
C GLU A 40 -27.57 13.07 -24.51
N ALA A 41 -28.76 13.26 -25.07
CA ALA A 41 -29.03 14.41 -25.91
C ALA A 41 -28.51 15.69 -25.26
N LEU A 42 -28.93 15.93 -24.03
CA LEU A 42 -28.47 17.09 -23.28
C LEU A 42 -26.93 17.21 -23.22
N ASP A 43 -26.26 16.12 -22.81
CA ASP A 43 -24.78 16.07 -22.80
C ASP A 43 -24.17 16.46 -24.17
N ASN A 44 -24.65 15.82 -25.25
CA ASN A 44 -24.17 16.11 -26.62
C ASN A 44 -24.41 17.55 -27.09
N ARG A 45 -25.65 18.03 -26.93
CA ARG A 45 -26.02 19.36 -27.37
C ARG A 45 -25.41 20.49 -26.55
N TYR A 46 -25.34 20.34 -25.24
CA TYR A 46 -24.74 21.38 -24.41
C TYR A 46 -23.60 20.83 -23.56
N PRO A 47 -22.45 20.55 -24.20
CA PRO A 47 -21.32 19.98 -23.48
C PRO A 47 -20.72 21.02 -22.54
N PHE A 48 -20.90 22.30 -22.85
CA PHE A 48 -20.42 23.37 -21.99
C PHE A 48 -21.51 23.79 -21.03
N GLY A 49 -22.57 22.98 -20.94
CA GLY A 49 -23.69 23.24 -20.05
C GLY A 49 -23.28 23.78 -18.68
N PRO A 50 -24.18 24.51 -18.02
CA PRO A 50 -23.87 25.03 -16.68
C PRO A 50 -23.92 23.92 -15.59
N TYR A 51 -24.67 22.85 -15.86
CA TYR A 51 -24.76 21.73 -14.91
C TYR A 51 -24.49 20.38 -15.62
N SER A 52 -23.39 20.33 -16.34
CA SER A 52 -23.04 19.19 -17.17
C SER A 52 -22.59 18.01 -16.35
N GLN A 53 -21.94 18.28 -15.23
CA GLN A 53 -21.44 17.22 -14.36
C GLN A 53 -22.56 16.38 -13.77
N GLN A 54 -23.62 17.03 -13.33
CA GLN A 54 -24.74 16.33 -12.72
C GLN A 54 -25.41 15.46 -13.76
N VAL A 55 -25.31 15.91 -15.01
CA VAL A 55 -25.77 15.13 -16.14
C VAL A 55 -24.96 13.85 -16.24
N GLN A 56 -23.65 14.02 -16.23
CA GLN A 56 -22.71 12.94 -16.36
C GLN A 56 -22.83 11.94 -15.21
N LEU A 57 -23.14 12.44 -14.00
CA LEU A 57 -23.36 11.57 -12.86
C LEU A 57 -24.66 10.79 -12.98
N ASP A 58 -25.72 11.46 -13.41
CA ASP A 58 -27.02 10.80 -13.60
C ASP A 58 -26.91 9.68 -14.64
N LEU A 59 -26.15 9.93 -15.71
CA LEU A 59 -25.90 8.93 -16.75
C LEU A 59 -25.21 7.72 -16.17
N ILE A 60 -24.05 7.94 -15.54
CA ILE A 60 -23.32 6.85 -14.91
C ILE A 60 -24.30 6.03 -14.08
N TYR A 61 -25.05 6.73 -13.24
CA TYR A 61 -26.04 6.09 -12.40
C TYR A 61 -27.06 5.29 -13.23
N ALA A 62 -27.61 5.90 -14.28
CA ALA A 62 -28.63 5.26 -15.10
C ALA A 62 -28.10 4.05 -15.88
N TYR A 63 -26.94 4.20 -16.51
CA TYR A 63 -26.34 3.06 -17.19
C TYR A 63 -26.18 1.87 -16.24
N TYR A 64 -25.62 2.12 -15.03
CA TYR A 64 -25.54 1.07 -14.03
C TYR A 64 -26.88 0.37 -13.80
N LYS A 65 -27.92 1.15 -13.52
CA LYS A 65 -29.20 0.55 -13.16
C LYS A 65 -29.82 -0.15 -14.35
N ASN A 66 -29.55 0.39 -15.54
CA ASN A 66 -30.05 -0.16 -16.77
C ASN A 66 -29.13 -1.27 -17.30
N ALA A 67 -28.06 -1.57 -16.56
CA ALA A 67 -27.09 -2.61 -16.96
C ALA A 67 -26.43 -2.34 -18.34
N ASP A 68 -26.01 -1.09 -18.57
CA ASP A 68 -25.22 -0.77 -19.75
C ASP A 68 -23.79 -0.55 -19.28
N LEU A 69 -23.26 -1.58 -18.65
CA LEU A 69 -22.08 -1.43 -17.84
C LEU A 69 -20.84 -0.87 -18.60
N PRO A 70 -20.60 -1.33 -19.85
CA PRO A 70 -19.44 -0.77 -20.56
C PRO A 70 -19.68 0.70 -20.91
N LEU A 71 -20.96 1.08 -20.96
CA LEU A 71 -21.31 2.46 -21.25
C LEU A 71 -21.12 3.28 -20.00
N ALA A 72 -21.57 2.73 -18.87
CA ALA A 72 -21.36 3.38 -17.60
C ALA A 72 -19.87 3.63 -17.43
N GLN A 73 -19.06 2.65 -17.78
CA GLN A 73 -17.63 2.76 -17.64
C GLN A 73 -17.06 3.89 -18.48
N ALA A 74 -17.56 4.05 -19.71
CA ALA A 74 -17.12 5.15 -20.56
C ALA A 74 -17.37 6.49 -19.91
N ALA A 75 -18.61 6.71 -19.46
CA ALA A 75 -18.97 7.98 -18.82
C ALA A 75 -18.08 8.22 -17.63
N ILE A 76 -17.90 7.16 -16.81
CA ILE A 76 -17.06 7.26 -15.64
C ILE A 76 -15.69 7.74 -16.04
N ASP A 77 -15.11 7.10 -17.04
CA ASP A 77 -13.75 7.44 -17.44
C ASP A 77 -13.59 8.88 -17.91
N ARG A 78 -14.52 9.35 -18.73
CA ARG A 78 -14.47 10.68 -19.22
C ARG A 78 -14.56 11.65 -18.05
N PHE A 79 -15.44 11.35 -17.10
CA PHE A 79 -15.68 12.24 -15.99
C PHE A 79 -14.44 12.41 -15.11
N ILE A 80 -13.79 11.29 -14.77
CA ILE A 80 -12.57 11.33 -13.99
C ILE A 80 -11.51 12.16 -14.67
N ARG A 81 -11.43 12.13 -15.96
CA ARG A 81 -10.36 12.83 -16.56
C ARG A 81 -10.61 14.30 -16.71
N LEU A 82 -11.85 14.72 -16.68
CA LEU A 82 -12.12 16.10 -16.88
C LEU A 82 -12.38 16.81 -15.59
N ASN A 83 -12.61 16.04 -14.56
CA ASN A 83 -12.90 16.54 -13.26
C ASN A 83 -12.12 15.84 -12.20
N PRO A 84 -10.79 15.82 -12.28
CA PRO A 84 -9.91 15.10 -11.34
C PRO A 84 -10.10 15.49 -9.86
N THR A 85 -10.43 16.74 -9.59
CA THR A 85 -10.56 17.21 -8.20
C THR A 85 -12.00 17.34 -7.70
N HIS A 86 -12.96 16.84 -8.48
CA HIS A 86 -14.42 16.94 -8.12
C HIS A 86 -14.76 16.25 -6.80
N PRO A 87 -15.48 16.96 -5.91
CA PRO A 87 -15.97 16.49 -4.59
C PRO A 87 -16.66 15.11 -4.64
N ASN A 88 -17.07 14.67 -5.82
CA ASN A 88 -17.78 13.43 -5.95
C ASN A 88 -17.01 12.36 -6.74
N ILE A 89 -15.74 12.67 -7.00
CA ILE A 89 -14.88 11.77 -7.76
C ILE A 89 -14.84 10.39 -7.14
N ASP A 90 -15.21 10.33 -5.87
CA ASP A 90 -15.13 9.09 -5.14
C ASP A 90 -16.33 8.19 -5.44
N TYR A 91 -17.47 8.81 -5.74
CA TYR A 91 -18.68 8.08 -6.05
C TYR A 91 -18.51 7.46 -7.41
N VAL A 92 -17.91 8.22 -8.31
CA VAL A 92 -17.63 7.76 -9.66
C VAL A 92 -16.76 6.50 -9.59
N MET A 93 -15.73 6.55 -8.75
CA MET A 93 -14.85 5.42 -8.58
C MET A 93 -15.57 4.23 -8.02
N TYR A 94 -16.35 4.46 -6.98
CA TYR A 94 -17.14 3.41 -6.42
C TYR A 94 -18.06 2.82 -7.48
N MET A 95 -18.70 3.69 -8.25
CA MET A 95 -19.57 3.21 -9.29
C MET A 95 -18.80 2.35 -10.27
N ARG A 96 -17.56 2.72 -10.55
CA ARG A 96 -16.80 1.98 -11.52
C ARG A 96 -16.52 0.53 -11.07
N GLY A 97 -16.31 0.36 -9.76
CA GLY A 97 -16.20 -0.98 -9.17
C GLY A 97 -17.49 -1.78 -9.32
N LEU A 98 -18.60 -1.17 -8.91
CA LEU A 98 -19.93 -1.82 -9.00
C LEU A 98 -20.22 -2.35 -10.40
N THR A 99 -19.77 -1.59 -11.39
CA THR A 99 -19.90 -1.91 -12.80
C THR A 99 -19.27 -3.27 -13.16
N ASN A 100 -17.97 -3.41 -12.90
CA ASN A 100 -17.27 -4.66 -13.15
C ASN A 100 -17.80 -5.78 -12.30
N MET A 101 -18.20 -5.48 -11.08
CA MET A 101 -18.72 -6.49 -10.17
C MET A 101 -20.05 -7.06 -10.66
N ALA A 102 -20.81 -6.25 -11.39
CA ALA A 102 -22.05 -6.72 -11.97
C ALA A 102 -21.76 -7.57 -13.20
N LEU A 103 -20.80 -7.12 -14.03
CA LEU A 103 -20.33 -7.89 -15.18
C LEU A 103 -19.89 -9.28 -14.78
N ASP A 104 -19.24 -9.35 -13.63
CA ASP A 104 -18.80 -10.61 -13.06
C ASP A 104 -19.93 -11.50 -12.54
N ASP A 105 -20.95 -10.91 -11.91
CA ASP A 105 -22.05 -11.72 -11.39
C ASP A 105 -22.84 -12.33 -12.53
N SER A 106 -22.88 -11.60 -13.65
CA SER A 106 -23.69 -12.04 -14.80
C SER A 106 -22.90 -12.94 -15.77
N ALA A 107 -21.58 -13.01 -15.59
CA ALA A 107 -20.78 -14.00 -16.28
C ALA A 107 -20.96 -15.35 -15.63
N LEU A 108 -20.93 -15.38 -14.29
CA LEU A 108 -21.10 -16.62 -13.53
C LEU A 108 -22.53 -17.16 -13.67
N GLN A 109 -23.46 -16.23 -13.83
CA GLN A 109 -24.86 -16.55 -13.84
C GLN A 109 -25.27 -17.15 -15.20
N GLY A 110 -24.59 -16.70 -16.26
CA GLY A 110 -24.84 -17.20 -17.61
C GLY A 110 -24.25 -18.58 -17.84
N PHE A 111 -23.42 -19.02 -16.90
CA PHE A 111 -22.80 -20.34 -17.02
C PHE A 111 -23.20 -21.26 -15.88
N PHE A 112 -24.35 -20.99 -15.27
CA PHE A 112 -24.76 -21.75 -14.10
C PHE A 112 -25.06 -23.21 -14.45
N GLY A 113 -24.49 -24.11 -13.70
CA GLY A 113 -24.68 -25.51 -13.99
C GLY A 113 -23.80 -25.99 -15.11
N VAL A 114 -23.12 -25.08 -15.78
CA VAL A 114 -22.20 -25.46 -16.84
C VAL A 114 -21.03 -24.52 -16.94
N ASP A 115 -20.17 -24.53 -15.93
CA ASP A 115 -19.04 -23.64 -15.90
C ASP A 115 -17.79 -24.46 -15.80
N ARG A 116 -16.68 -23.75 -15.84
CA ARG A 116 -15.35 -24.28 -15.57
C ARG A 116 -14.80 -23.56 -14.35
N SER A 117 -14.12 -24.29 -13.50
CA SER A 117 -13.59 -23.67 -12.31
C SER A 117 -12.50 -22.68 -12.68
N ASP A 118 -11.89 -22.90 -13.85
CA ASP A 118 -10.75 -22.10 -14.31
C ASP A 118 -11.14 -21.10 -15.43
N ARG A 119 -12.43 -20.83 -15.53
CA ARG A 119 -12.87 -19.61 -16.17
C ARG A 119 -12.12 -18.49 -15.47
N ASP A 120 -11.53 -17.57 -16.22
CA ASP A 120 -10.88 -16.42 -15.63
C ASP A 120 -11.92 -15.38 -15.19
N PRO A 121 -11.97 -15.08 -13.89
CA PRO A 121 -12.91 -14.06 -13.45
C PRO A 121 -12.31 -12.67 -13.70
N GLN A 122 -12.19 -12.29 -14.96
CA GLN A 122 -11.44 -11.11 -15.31
C GLN A 122 -12.14 -9.80 -14.95
N HIS A 123 -13.46 -9.84 -14.81
CA HIS A 123 -14.18 -8.65 -14.36
C HIS A 123 -14.07 -8.45 -12.87
N ALA A 124 -13.84 -9.54 -12.14
CA ALA A 124 -13.61 -9.45 -10.73
C ALA A 124 -12.27 -8.74 -10.46
N ARG A 125 -11.27 -9.09 -11.26
CA ARG A 125 -9.93 -8.53 -11.13
C ARG A 125 -9.97 -7.03 -11.43
N ALA A 126 -10.80 -6.66 -12.41
CA ALA A 126 -11.03 -5.26 -12.77
C ALA A 126 -11.72 -4.52 -11.62
N ALA A 127 -12.82 -5.08 -11.13
CA ALA A 127 -13.43 -4.56 -9.91
C ALA A 127 -12.39 -4.33 -8.80
N PHE A 128 -11.62 -5.36 -8.48
CA PHE A 128 -10.62 -5.25 -7.43
C PHE A 128 -9.75 -4.06 -7.70
N SER A 129 -9.25 -3.97 -8.92
CA SER A 129 -8.43 -2.84 -9.29
C SER A 129 -9.13 -1.53 -8.91
N ASP A 130 -10.38 -1.36 -9.36
CA ASP A 130 -11.13 -0.12 -9.15
C ASP A 130 -11.26 0.25 -7.68
N PHE A 131 -11.75 -0.70 -6.88
CA PHE A 131 -12.02 -0.43 -5.46
C PHE A 131 -10.79 -0.05 -4.65
N SER A 132 -9.64 -0.66 -4.95
CA SER A 132 -8.38 -0.34 -4.27
C SER A 132 -8.08 1.13 -4.44
N LYS A 133 -8.15 1.61 -5.67
CA LYS A 133 -7.96 3.03 -5.94
C LYS A 133 -8.83 3.89 -5.02
N LEU A 134 -10.12 3.56 -4.96
CA LEU A 134 -11.03 4.25 -4.08
C LEU A 134 -10.52 4.24 -2.66
N VAL A 135 -10.35 3.05 -2.10
CA VAL A 135 -10.05 2.94 -0.66
C VAL A 135 -8.66 3.51 -0.28
N ARG A 136 -7.72 3.47 -1.22
CA ARG A 136 -6.40 4.05 -0.98
C ARG A 136 -6.42 5.54 -1.14
N GLY A 137 -7.12 6.01 -2.17
CA GLY A 137 -7.23 7.44 -2.46
C GLY A 137 -8.11 8.18 -1.49
N TYR A 138 -9.21 7.55 -1.08
CA TYR A 138 -10.26 8.22 -0.30
C TYR A 138 -10.74 7.37 0.90
N PRO A 139 -9.89 7.24 1.95
CA PRO A 139 -10.22 6.31 3.04
C PRO A 139 -11.42 6.77 3.82
N ASN A 140 -11.72 8.06 3.73
CA ASN A 140 -12.86 8.63 4.47
C ASN A 140 -14.11 8.78 3.63
N SER A 141 -14.11 8.17 2.47
CA SER A 141 -15.25 8.23 1.59
C SER A 141 -16.37 7.43 2.16
N GLN A 142 -17.57 7.90 1.92
CA GLN A 142 -18.76 7.26 2.40
C GLN A 142 -18.96 5.85 1.76
N TYR A 143 -18.13 5.52 0.76
CA TYR A 143 -18.28 4.26 0.04
C TYR A 143 -17.16 3.26 0.42
N THR A 144 -16.26 3.68 1.30
CA THR A 144 -15.04 2.94 1.51
C THR A 144 -15.22 1.72 2.40
N THR A 145 -16.21 1.76 3.26
CA THR A 145 -16.52 0.59 4.07
C THR A 145 -16.99 -0.53 3.15
N ASP A 146 -18.03 -0.24 2.38
CA ASP A 146 -18.60 -1.24 1.53
C ASP A 146 -17.57 -1.76 0.53
N ALA A 147 -16.82 -0.85 -0.09
CA ALA A 147 -15.86 -1.22 -1.13
C ALA A 147 -14.84 -2.19 -0.55
N THR A 148 -14.46 -1.91 0.69
CA THR A 148 -13.55 -2.79 1.40
C THR A 148 -14.17 -4.18 1.57
N LYS A 149 -15.44 -4.23 1.98
CA LYS A 149 -16.13 -5.51 2.14
C LYS A 149 -16.05 -6.33 0.85
N ARG A 150 -16.16 -5.64 -0.26
CA ARG A 150 -16.16 -6.28 -1.56
C ARG A 150 -14.75 -6.73 -1.99
N LEU A 151 -13.75 -5.89 -1.76
CA LEU A 151 -12.37 -6.27 -1.96
C LEU A 151 -12.06 -7.61 -1.29
N VAL A 152 -12.51 -7.76 -0.04
CA VAL A 152 -12.29 -9.00 0.67
C VAL A 152 -12.96 -10.15 -0.05
N PHE A 153 -14.18 -9.94 -0.48
CA PHE A 153 -14.92 -11.01 -1.14
C PHE A 153 -14.25 -11.36 -2.48
N LEU A 154 -13.77 -10.33 -3.17
CA LEU A 154 -13.16 -10.47 -4.49
C LEU A 154 -11.80 -11.14 -4.42
N LYS A 155 -11.03 -10.80 -3.41
CA LYS A 155 -9.69 -11.34 -3.26
C LYS A 155 -9.81 -12.84 -3.14
N ASP A 156 -10.78 -13.25 -2.33
CA ASP A 156 -11.07 -14.64 -2.13
C ASP A 156 -11.43 -15.32 -3.46
N ARG A 157 -12.40 -14.77 -4.19
CA ARG A 157 -12.69 -15.27 -5.55
C ARG A 157 -11.45 -15.38 -6.42
N LEU A 158 -10.63 -14.35 -6.46
CA LEU A 158 -9.45 -14.37 -7.32
C LEU A 158 -8.49 -15.53 -7.00
N ALA A 159 -8.16 -15.67 -5.71
CA ALA A 159 -7.23 -16.71 -5.28
C ALA A 159 -7.82 -18.10 -5.55
N LYS A 160 -9.13 -18.22 -5.34
CA LYS A 160 -9.82 -19.43 -5.67
C LYS A 160 -9.58 -19.81 -7.15
N TYR A 161 -9.39 -18.82 -8.00
CA TYR A 161 -9.22 -19.12 -9.40
C TYR A 161 -7.85 -19.72 -9.55
N GLU A 162 -6.88 -19.10 -8.91
CA GLU A 162 -5.55 -19.63 -8.90
C GLU A 162 -5.56 -21.10 -8.45
N TYR A 163 -6.30 -21.38 -7.37
CA TYR A 163 -6.39 -22.75 -6.90
C TYR A 163 -6.90 -23.69 -7.97
N SER A 164 -7.92 -23.28 -8.71
CA SER A 164 -8.50 -24.16 -9.73
C SER A 164 -7.53 -24.50 -10.83
N VAL A 165 -6.72 -23.53 -11.21
CA VAL A 165 -5.69 -23.78 -12.19
C VAL A 165 -4.62 -24.75 -11.65
N ALA A 166 -4.14 -24.48 -10.43
CA ALA A 166 -3.18 -25.38 -9.84
C ALA A 166 -3.73 -26.80 -9.74
N GLU A 167 -5.02 -26.93 -9.44
CA GLU A 167 -5.65 -28.23 -9.31
C GLU A 167 -5.68 -28.96 -10.66
N TYR A 168 -6.13 -28.26 -11.70
CA TYR A 168 -6.09 -28.76 -13.08
C TYR A 168 -4.71 -29.31 -13.48
N TYR A 169 -3.65 -28.54 -13.27
CA TYR A 169 -2.31 -28.99 -13.62
C TYR A 169 -1.87 -30.19 -12.77
N THR A 170 -2.20 -30.15 -11.50
CA THR A 170 -2.00 -31.30 -10.63
C THR A 170 -2.62 -32.56 -11.25
N GLU A 171 -3.91 -32.48 -11.56
CA GLU A 171 -4.61 -33.61 -12.15
C GLU A 171 -3.91 -34.16 -13.40
N ARG A 172 -2.87 -33.45 -13.87
CA ARG A 172 -2.17 -33.84 -15.12
C ARG A 172 -0.68 -33.84 -14.97
N GLY A 173 -0.22 -33.91 -13.74
CA GLY A 173 1.18 -34.19 -13.47
C GLY A 173 2.08 -33.14 -14.03
N ALA A 174 1.52 -31.97 -14.35
CA ALA A 174 2.33 -30.82 -14.74
C ALA A 174 2.88 -30.17 -13.50
N TRP A 175 3.94 -30.74 -12.94
CA TRP A 175 4.41 -30.34 -11.62
C TRP A 175 4.97 -28.94 -11.56
N VAL A 176 5.66 -28.50 -12.62
CA VAL A 176 6.24 -27.15 -12.64
C VAL A 176 5.14 -26.07 -12.74
N ALA A 177 4.17 -26.28 -13.64
CA ALA A 177 3.02 -25.41 -13.69
C ALA A 177 2.35 -25.28 -12.34
N VAL A 178 2.42 -26.34 -11.51
CA VAL A 178 1.82 -26.28 -10.18
C VAL A 178 2.61 -25.40 -9.19
N VAL A 179 3.91 -25.66 -9.03
CA VAL A 179 4.69 -24.84 -8.10
C VAL A 179 4.76 -23.36 -8.56
N ASN A 180 4.79 -23.13 -9.86
CA ASN A 180 4.78 -21.78 -10.35
C ASN A 180 3.50 -21.08 -10.00
N ARG A 181 2.39 -21.81 -10.10
CA ARG A 181 1.10 -21.24 -9.80
C ARG A 181 0.91 -20.96 -8.36
N VAL A 182 1.23 -21.92 -7.50
CA VAL A 182 0.96 -21.74 -6.09
C VAL A 182 1.93 -20.72 -5.53
N GLU A 183 3.14 -20.68 -6.06
CA GLU A 183 4.10 -19.67 -5.67
C GLU A 183 3.51 -18.29 -5.94
N GLY A 184 2.85 -18.14 -7.07
CA GLY A 184 2.08 -16.94 -7.38
C GLY A 184 1.08 -16.62 -6.28
N MET A 185 0.29 -17.62 -5.89
CA MET A 185 -0.70 -17.42 -4.84
C MET A 185 -0.05 -16.93 -3.57
N LEU A 186 1.16 -17.43 -3.30
CA LEU A 186 1.85 -17.09 -2.07
C LEU A 186 2.37 -15.67 -2.14
N ARG A 187 2.69 -15.23 -3.33
CA ARG A 187 3.21 -13.89 -3.51
C ARG A 187 2.06 -12.87 -3.50
N ASP A 188 0.90 -13.27 -4.03
CA ASP A 188 -0.20 -12.35 -4.23
C ASP A 188 -1.35 -12.46 -3.22
N TYR A 189 -1.71 -13.67 -2.82
CA TYR A 189 -2.88 -13.84 -1.96
C TYR A 189 -2.61 -14.67 -0.70
N PRO A 190 -1.43 -14.50 -0.08
CA PRO A 190 -1.05 -15.36 1.02
C PRO A 190 -2.12 -15.45 2.12
N ASP A 191 -2.99 -14.46 2.19
CA ASP A 191 -3.91 -14.38 3.30
C ASP A 191 -5.28 -14.88 2.98
N THR A 192 -5.41 -15.69 1.91
CA THR A 192 -6.72 -16.19 1.49
C THR A 192 -6.84 -17.66 1.81
N GLN A 193 -8.07 -18.12 2.00
CA GLN A 193 -8.38 -19.53 2.18
C GLN A 193 -7.82 -20.41 1.05
N ALA A 194 -8.01 -19.98 -0.20
CA ALA A 194 -7.63 -20.82 -1.33
C ALA A 194 -6.11 -21.01 -1.41
N THR A 195 -5.35 -20.10 -0.82
CA THR A 195 -3.93 -20.32 -0.75
C THR A 195 -3.62 -21.42 0.25
N ARG A 196 -4.37 -21.47 1.34
CA ARG A 196 -4.14 -22.50 2.34
C ARG A 196 -4.49 -23.87 1.78
N ASP A 197 -5.56 -23.93 0.99
CA ASP A 197 -5.94 -25.19 0.34
C ASP A 197 -4.90 -25.63 -0.68
N ALA A 198 -4.29 -24.67 -1.37
CA ALA A 198 -3.30 -24.96 -2.43
C ALA A 198 -1.92 -25.50 -1.95
N LEU A 199 -1.51 -25.17 -0.74
CA LEU A 199 -0.21 -25.64 -0.29
C LEU A 199 -0.05 -27.18 -0.40
N PRO A 200 -1.09 -27.97 -0.06
CA PRO A 200 -0.99 -29.43 -0.23
C PRO A 200 -0.70 -29.85 -1.67
N LEU A 201 -1.26 -29.11 -2.63
CA LEU A 201 -0.94 -29.28 -4.04
C LEU A 201 0.53 -28.99 -4.31
N MET A 202 1.04 -27.93 -3.68
CA MET A 202 2.42 -27.54 -3.89
C MET A 202 3.35 -28.59 -3.34
N GLU A 203 3.01 -29.11 -2.15
CA GLU A 203 3.83 -30.15 -1.49
C GLU A 203 3.84 -31.38 -2.36
N ASN A 204 2.68 -31.76 -2.85
CA ASN A 204 2.61 -32.91 -3.67
C ASN A 204 3.54 -32.81 -4.89
N ALA A 205 3.46 -31.68 -5.58
CA ALA A 205 4.20 -31.49 -6.81
C ALA A 205 5.71 -31.61 -6.56
N TYR A 206 6.14 -31.15 -5.41
CA TYR A 206 7.55 -31.20 -5.06
C TYR A 206 7.99 -32.64 -4.75
N ARG A 207 7.22 -33.31 -3.91
CA ARG A 207 7.45 -34.73 -3.64
C ARG A 207 7.49 -35.53 -4.93
N GLN A 208 6.65 -35.17 -5.89
CA GLN A 208 6.63 -35.80 -7.21
C GLN A 208 7.91 -35.54 -7.94
N MET A 209 8.39 -34.31 -7.88
CA MET A 209 9.58 -33.93 -8.62
C MET A 209 10.82 -34.42 -7.89
N GLN A 210 10.61 -35.03 -6.72
CA GLN A 210 11.69 -35.56 -5.86
C GLN A 210 12.50 -34.46 -5.21
N MET A 211 11.83 -33.38 -4.82
CA MET A 211 12.51 -32.26 -4.18
C MET A 211 12.08 -32.15 -2.73
N ASN A 212 12.70 -32.95 -1.87
CA ASN A 212 12.20 -33.14 -0.55
C ASN A 212 12.44 -31.97 0.41
N ALA A 213 13.59 -31.33 0.31
CA ALA A 213 13.88 -30.17 1.14
C ALA A 213 12.81 -29.11 0.94
N GLN A 214 12.45 -28.89 -0.31
CA GLN A 214 11.43 -27.92 -0.65
C GLN A 214 10.07 -28.39 -0.18
N ALA A 215 9.76 -29.64 -0.48
CA ALA A 215 8.51 -30.24 -0.06
C ALA A 215 8.28 -30.15 1.43
N GLU A 216 9.33 -30.39 2.22
CA GLU A 216 9.21 -30.33 3.68
C GLU A 216 9.02 -28.91 4.22
N LYS A 217 9.63 -27.93 3.57
CA LYS A 217 9.35 -26.54 3.92
C LYS A 217 7.87 -26.25 3.79
N VAL A 218 7.30 -26.61 2.64
CA VAL A 218 5.88 -26.47 2.41
C VAL A 218 5.06 -27.13 3.51
N ALA A 219 5.50 -28.32 3.95
CA ALA A 219 4.80 -29.02 5.02
C ALA A 219 4.91 -28.23 6.33
N LYS A 220 6.11 -27.75 6.62
CA LYS A 220 6.32 -26.95 7.80
C LYS A 220 5.34 -25.80 7.83
N ILE A 221 5.00 -25.26 6.66
CA ILE A 221 4.09 -24.11 6.58
C ILE A 221 2.66 -24.53 6.75
N ILE A 222 2.27 -25.62 6.08
CA ILE A 222 0.92 -26.16 6.20
C ILE A 222 0.55 -26.42 7.66
N ALA A 223 1.53 -26.91 8.41
CA ALA A 223 1.32 -27.34 9.80
C ALA A 223 1.26 -26.16 10.73
N ALA A 224 1.99 -25.10 10.41
CA ALA A 224 2.02 -23.91 11.23
C ALA A 224 0.74 -23.08 11.05
N ASN A 225 -0.14 -23.56 10.19
CA ASN A 225 -1.39 -22.85 9.88
C ASN A 225 -2.62 -23.76 10.00
N SER A 226 -2.43 -24.87 10.73
CA SER A 226 -3.50 -25.84 11.02
C SER A 226 -4.64 -25.76 10.00
N GLU B 10 46.15 -18.07 -7.13
CA GLU B 10 44.75 -18.59 -7.05
C GLU B 10 44.32 -18.83 -5.59
N VAL B 11 43.36 -19.73 -5.38
CA VAL B 11 42.94 -20.09 -4.04
C VAL B 11 43.11 -21.60 -3.85
N PRO B 12 43.97 -21.98 -2.87
CA PRO B 12 44.54 -23.33 -2.72
C PRO B 12 43.62 -24.34 -2.06
N ASP B 13 43.52 -25.54 -2.59
CA ASP B 13 42.51 -26.49 -2.14
C ASP B 13 42.63 -26.97 -0.72
N ASN B 14 41.92 -26.35 0.20
CA ASN B 14 41.86 -26.77 1.59
C ASN B 14 40.48 -27.25 1.91
N PRO B 15 40.25 -27.72 3.12
CA PRO B 15 38.93 -28.09 3.55
C PRO B 15 38.03 -26.84 3.61
N PRO B 16 36.71 -27.03 3.46
CA PRO B 16 35.85 -25.84 3.51
C PRO B 16 36.14 -25.01 4.75
N ASN B 17 36.05 -25.63 5.92
CA ASN B 17 36.17 -24.91 7.18
C ASN B 17 37.38 -24.00 7.28
N GLU B 18 38.51 -24.46 6.75
CA GLU B 18 39.73 -23.64 6.75
C GLU B 18 39.60 -22.46 5.79
N ILE B 19 39.10 -22.74 4.59
CA ILE B 19 38.84 -21.68 3.64
C ILE B 19 37.88 -20.66 4.24
N TYR B 20 36.82 -21.16 4.88
CA TYR B 20 35.86 -20.28 5.50
C TYR B 20 36.48 -19.42 6.59
N ALA B 21 37.28 -20.05 7.44
CA ALA B 21 37.86 -19.36 8.59
C ALA B 21 38.78 -18.21 8.19
N THR B 22 39.52 -18.37 7.09
CA THR B 22 40.43 -17.29 6.67
C THR B 22 39.67 -16.22 5.95
N ALA B 23 38.60 -16.62 5.28
CA ALA B 23 37.65 -15.68 4.70
C ALA B 23 37.13 -14.72 5.76
N GLN B 24 36.74 -15.27 6.91
CA GLN B 24 36.27 -14.48 8.04
C GLN B 24 37.32 -13.50 8.55
N GLN B 25 38.59 -13.89 8.45
CA GLN B 25 39.68 -13.07 9.00
C GLN B 25 39.93 -11.84 8.17
N LYS B 26 39.83 -12.00 6.86
CA LYS B 26 40.01 -10.90 5.93
C LYS B 26 38.82 -9.96 6.01
N LEU B 27 37.64 -10.56 6.06
CA LEU B 27 36.43 -9.81 6.13
C LEU B 27 36.47 -8.89 7.33
N GLN B 28 36.80 -9.44 8.49
CA GLN B 28 36.86 -8.66 9.72
C GLN B 28 38.05 -7.73 9.66
N ASP B 29 39.03 -8.13 8.85
CA ASP B 29 40.28 -7.39 8.73
C ASP B 29 40.10 -6.14 7.85
N GLY B 30 38.95 -6.06 7.17
CA GLY B 30 38.68 -4.94 6.28
C GLY B 30 39.21 -5.22 4.88
N ASN B 31 39.78 -6.40 4.69
CA ASN B 31 40.36 -6.75 3.41
C ASN B 31 39.34 -7.43 2.49
N TRP B 32 38.53 -6.62 1.82
CA TRP B 32 37.44 -7.14 1.01
C TRP B 32 37.92 -7.94 -0.20
N ARG B 33 38.78 -7.35 -1.03
CA ARG B 33 39.19 -8.02 -2.25
C ARG B 33 39.56 -9.48 -1.96
N GLN B 34 40.36 -9.67 -0.90
CA GLN B 34 40.87 -11.00 -0.52
C GLN B 34 39.79 -11.89 0.07
N ALA B 35 38.95 -11.29 0.89
CA ALA B 35 37.80 -11.96 1.45
C ALA B 35 36.92 -12.49 0.35
N ILE B 36 36.78 -11.70 -0.70
CA ILE B 36 35.92 -12.07 -1.82
C ILE B 36 36.47 -13.27 -2.60
N THR B 37 37.80 -13.29 -2.78
CA THR B 37 38.43 -14.45 -3.44
C THR B 37 38.12 -15.74 -2.69
N GLN B 38 38.31 -15.72 -1.38
CA GLN B 38 38.03 -16.88 -0.55
C GLN B 38 36.56 -17.25 -0.59
N LEU B 39 35.70 -16.25 -0.61
CA LEU B 39 34.27 -16.50 -0.58
C LEU B 39 33.71 -17.02 -1.91
N GLU B 40 34.19 -16.49 -3.03
CA GLU B 40 33.77 -16.96 -4.33
C GLU B 40 34.16 -18.42 -4.48
N ALA B 41 35.43 -18.71 -4.22
CA ALA B 41 35.95 -20.07 -4.28
C ALA B 41 35.10 -21.05 -3.44
N LEU B 42 34.81 -20.68 -2.20
CA LEU B 42 34.01 -21.51 -1.32
C LEU B 42 32.57 -21.69 -1.80
N ASP B 43 32.01 -20.65 -2.39
CA ASP B 43 30.70 -20.74 -3.03
C ASP B 43 30.73 -21.70 -4.21
N ASN B 44 31.56 -21.38 -5.20
CA ASN B 44 31.66 -22.20 -6.42
C ASN B 44 32.06 -23.67 -6.18
N ARG B 45 32.89 -23.92 -5.15
CA ARG B 45 33.51 -25.24 -4.90
C ARG B 45 32.61 -26.19 -4.08
N TYR B 46 32.01 -25.67 -3.01
CA TYR B 46 31.11 -26.46 -2.15
C TYR B 46 29.76 -25.78 -2.03
N PRO B 47 28.93 -25.88 -3.07
CA PRO B 47 27.68 -25.14 -3.11
C PRO B 47 26.58 -25.77 -2.30
N PHE B 48 26.78 -27.01 -1.85
CA PHE B 48 25.74 -27.70 -1.10
C PHE B 48 26.03 -27.72 0.39
N GLY B 49 27.23 -27.25 0.77
CA GLY B 49 27.75 -27.41 2.14
C GLY B 49 26.98 -26.71 3.25
N PRO B 50 27.49 -26.80 4.50
CA PRO B 50 26.83 -26.16 5.64
C PRO B 50 27.20 -24.67 5.76
N TYR B 51 28.00 -24.18 4.81
CA TYR B 51 28.52 -22.80 4.85
C TYR B 51 27.84 -21.94 3.79
N SER B 52 27.25 -22.59 2.78
CA SER B 52 26.78 -21.89 1.59
C SER B 52 26.00 -20.62 1.87
N GLN B 53 24.98 -20.70 2.72
CA GLN B 53 24.12 -19.55 2.94
C GLN B 53 24.89 -18.36 3.49
N GLN B 54 25.65 -18.61 4.55
CA GLN B 54 26.40 -17.58 5.21
C GLN B 54 27.42 -17.01 4.26
N VAL B 55 27.88 -17.85 3.35
CA VAL B 55 28.90 -17.44 2.38
C VAL B 55 28.31 -16.40 1.48
N GLN B 56 27.05 -16.62 1.12
CA GLN B 56 26.37 -15.72 0.21
C GLN B 56 26.08 -14.41 0.88
N LEU B 57 25.73 -14.47 2.16
CA LEU B 57 25.50 -13.28 2.93
C LEU B 57 26.76 -12.52 3.17
N ASP B 58 27.88 -13.22 3.28
CA ASP B 58 29.16 -12.55 3.43
C ASP B 58 29.61 -11.92 2.12
N LEU B 59 29.47 -12.65 1.03
CA LEU B 59 29.77 -12.10 -0.28
C LEU B 59 29.05 -10.79 -0.51
N ILE B 60 27.72 -10.83 -0.42
CA ILE B 60 26.91 -9.65 -0.61
C ILE B 60 27.53 -8.52 0.17
N TYR B 61 27.76 -8.76 1.45
CA TYR B 61 28.28 -7.72 2.34
C TYR B 61 29.66 -7.20 1.88
N ALA B 62 30.52 -8.11 1.43
CA ALA B 62 31.88 -7.76 0.99
C ALA B 62 31.87 -7.04 -0.36
N TYR B 63 31.04 -7.53 -1.28
CA TYR B 63 30.83 -6.87 -2.57
C TYR B 63 30.41 -5.40 -2.38
N TYR B 64 29.48 -5.15 -1.44
CA TYR B 64 29.02 -3.79 -1.16
C TYR B 64 30.10 -2.91 -0.58
N LYS B 65 30.87 -3.45 0.36
CA LYS B 65 31.98 -2.71 0.98
C LYS B 65 33.11 -2.47 -0.01
N ASN B 66 33.31 -3.42 -0.91
CA ASN B 66 34.35 -3.27 -1.89
C ASN B 66 33.88 -2.46 -3.09
N ALA B 67 32.65 -1.96 -3.00
CA ALA B 67 32.06 -1.11 -4.04
C ALA B 67 31.94 -1.81 -5.39
N ASP B 68 31.79 -3.14 -5.37
CA ASP B 68 31.39 -3.91 -6.56
C ASP B 68 29.90 -4.12 -6.52
N LEU B 69 29.17 -3.07 -6.88
CA LEU B 69 27.74 -3.02 -6.59
C LEU B 69 26.87 -3.92 -7.48
N PRO B 70 27.20 -4.00 -8.78
CA PRO B 70 26.47 -4.94 -9.64
C PRO B 70 26.69 -6.39 -9.22
N LEU B 71 27.92 -6.73 -8.81
CA LEU B 71 28.25 -8.08 -8.34
C LEU B 71 27.44 -8.36 -7.08
N ALA B 72 27.38 -7.37 -6.19
CA ALA B 72 26.52 -7.44 -5.01
C ALA B 72 25.10 -7.77 -5.38
N GLN B 73 24.61 -7.19 -6.47
CA GLN B 73 23.22 -7.32 -6.85
C GLN B 73 22.91 -8.70 -7.43
N ALA B 74 23.89 -9.30 -8.10
CA ALA B 74 23.71 -10.65 -8.58
C ALA B 74 23.55 -11.60 -7.41
N ALA B 75 24.56 -11.63 -6.53
CA ALA B 75 24.45 -12.44 -5.31
C ALA B 75 23.08 -12.27 -4.66
N ILE B 76 22.69 -11.02 -4.36
CA ILE B 76 21.38 -10.74 -3.72
C ILE B 76 20.22 -11.40 -4.49
N ASP B 77 20.19 -11.18 -5.81
CA ASP B 77 19.11 -11.71 -6.63
C ASP B 77 19.09 -13.25 -6.65
N ARG B 78 20.27 -13.84 -6.71
CA ARG B 78 20.43 -15.26 -6.56
C ARG B 78 20.01 -15.81 -5.17
N PHE B 79 20.39 -15.11 -4.12
CA PHE B 79 20.01 -15.56 -2.80
C PHE B 79 18.48 -15.48 -2.56
N ILE B 80 17.81 -14.46 -3.11
CA ILE B 80 16.37 -14.26 -2.86
C ILE B 80 15.53 -15.31 -3.56
N ARG B 81 16.00 -15.77 -4.72
CA ARG B 81 15.30 -16.83 -5.45
C ARG B 81 15.37 -18.20 -4.77
N LEU B 82 16.53 -18.56 -4.25
CA LEU B 82 16.71 -19.86 -3.61
C LEU B 82 16.27 -19.91 -2.13
N ASN B 83 16.27 -18.77 -1.47
CA ASN B 83 16.04 -18.74 -0.03
C ASN B 83 14.94 -17.79 0.33
N PRO B 84 13.74 -18.03 -0.16
CA PRO B 84 12.64 -17.10 0.01
C PRO B 84 12.10 -16.98 1.43
N THR B 85 12.31 -18.00 2.27
CA THR B 85 11.80 -17.95 3.66
C THR B 85 12.88 -17.61 4.66
N HIS B 86 14.13 -17.60 4.21
CA HIS B 86 15.25 -17.39 5.09
C HIS B 86 15.02 -16.18 6.03
N PRO B 87 15.27 -16.38 7.35
CA PRO B 87 15.01 -15.36 8.38
C PRO B 87 15.68 -14.02 8.11
N ASN B 88 16.80 -14.04 7.40
CA ASN B 88 17.56 -12.81 7.21
C ASN B 88 17.37 -12.25 5.82
N ILE B 89 16.27 -12.63 5.20
CA ILE B 89 15.93 -12.16 3.85
C ILE B 89 15.73 -10.63 3.79
N ASP B 90 15.26 -10.05 4.88
CA ASP B 90 15.11 -8.61 4.94
C ASP B 90 16.45 -7.92 4.89
N TYR B 91 17.47 -8.55 5.45
CA TYR B 91 18.78 -7.98 5.41
C TYR B 91 19.18 -7.84 3.95
N VAL B 92 18.95 -8.89 3.19
CA VAL B 92 19.38 -8.94 1.80
C VAL B 92 18.62 -7.88 1.00
N MET B 93 17.31 -7.77 1.27
CA MET B 93 16.52 -6.75 0.63
C MET B 93 17.05 -5.39 0.91
N TYR B 94 17.33 -5.12 2.16
CA TYR B 94 17.78 -3.79 2.53
C TYR B 94 19.14 -3.50 1.90
N MET B 95 19.95 -4.53 1.74
CA MET B 95 21.24 -4.35 1.12
C MET B 95 21.05 -3.94 -0.34
N ARG B 96 20.20 -4.68 -1.05
CA ARG B 96 19.91 -4.31 -2.42
C ARG B 96 19.62 -2.83 -2.52
N GLY B 97 18.81 -2.31 -1.60
CA GLY B 97 18.57 -0.87 -1.51
C GLY B 97 19.87 -0.06 -1.50
N LEU B 98 20.74 -0.40 -0.54
CA LEU B 98 22.00 0.28 -0.35
C LEU B 98 22.90 0.20 -1.57
N THR B 99 22.94 -0.95 -2.24
CA THR B 99 23.74 -1.08 -3.45
C THR B 99 23.34 0.03 -4.42
N ASN B 100 22.04 0.17 -4.67
CA ASN B 100 21.53 1.11 -5.65
C ASN B 100 21.72 2.54 -5.22
N MET B 101 21.62 2.79 -3.93
CA MET B 101 21.82 4.11 -3.46
C MET B 101 23.29 4.46 -3.52
N ALA B 102 24.15 3.45 -3.48
CA ALA B 102 25.60 3.69 -3.60
C ALA B 102 25.94 4.11 -5.01
N LEU B 103 25.29 3.48 -5.98
CA LEU B 103 25.48 3.82 -7.39
C LEU B 103 24.99 5.25 -7.71
N ASP B 104 23.99 5.70 -6.96
CA ASP B 104 23.49 7.03 -7.14
C ASP B 104 24.51 8.01 -6.67
N ASP B 105 25.29 7.63 -5.68
CA ASP B 105 26.31 8.50 -5.15
C ASP B 105 27.45 8.69 -6.11
N SER B 106 27.93 7.58 -6.68
CA SER B 106 28.98 7.63 -7.72
C SER B 106 28.58 8.61 -8.82
N ALA B 107 27.38 8.38 -9.39
CA ALA B 107 26.81 9.26 -10.41
C ALA B 107 26.84 10.75 -9.98
N LEU B 108 26.36 11.03 -8.78
CA LEU B 108 26.28 12.41 -8.28
C LEU B 108 27.66 13.03 -8.13
N GLN B 109 28.56 12.28 -7.50
CA GLN B 109 29.93 12.74 -7.26
C GLN B 109 30.69 12.91 -8.55
N GLY B 110 30.59 11.91 -9.43
CA GLY B 110 31.35 11.90 -10.67
C GLY B 110 30.98 13.03 -11.62
N PHE B 111 29.95 13.79 -11.25
CA PHE B 111 29.45 14.88 -12.09
C PHE B 111 29.40 16.19 -11.35
N PHE B 112 30.22 16.33 -10.31
CA PHE B 112 30.22 17.56 -9.52
C PHE B 112 30.63 18.75 -10.41
N GLY B 113 29.73 19.71 -10.52
CA GLY B 113 30.00 20.99 -11.22
C GLY B 113 29.80 20.98 -12.73
N VAL B 114 29.37 19.84 -13.27
CA VAL B 114 29.22 19.69 -14.71
C VAL B 114 27.92 19.00 -15.03
N ASP B 115 27.17 18.68 -13.99
CA ASP B 115 25.89 17.97 -14.07
C ASP B 115 24.81 18.74 -14.83
N ARG B 116 23.83 18.00 -15.33
CA ARG B 116 22.60 18.53 -15.84
C ARG B 116 21.53 18.27 -14.79
N SER B 117 20.64 19.24 -14.58
CA SER B 117 19.53 19.04 -13.66
C SER B 117 18.54 17.98 -14.15
N ASP B 118 18.48 17.76 -15.46
CA ASP B 118 17.54 16.76 -16.01
C ASP B 118 18.14 15.37 -16.21
N ARG B 119 19.33 15.14 -15.66
CA ARG B 119 19.91 13.81 -15.60
C ARG B 119 18.93 12.92 -14.84
N ASP B 120 18.61 11.77 -15.41
CA ASP B 120 17.64 10.87 -14.82
C ASP B 120 18.34 10.03 -13.76
N PRO B 121 17.90 10.15 -12.49
CA PRO B 121 18.54 9.40 -11.41
C PRO B 121 17.97 7.97 -11.32
N GLN B 122 18.38 7.12 -12.25
CA GLN B 122 17.75 5.81 -12.38
C GLN B 122 18.10 4.85 -11.25
N HIS B 123 19.20 5.12 -10.58
CA HIS B 123 19.63 4.29 -9.49
C HIS B 123 18.86 4.63 -8.23
N ALA B 124 18.47 5.89 -8.08
CA ALA B 124 17.53 6.28 -7.04
C ALA B 124 16.16 5.59 -7.23
N ARG B 125 15.77 5.42 -8.48
CA ARG B 125 14.46 4.84 -8.77
C ARG B 125 14.49 3.34 -8.47
N ALA B 126 15.67 2.73 -8.69
CA ALA B 126 15.89 1.31 -8.33
C ALA B 126 15.95 1.13 -6.83
N ALA B 127 16.77 1.95 -6.18
CA ALA B 127 16.81 1.94 -4.74
C ALA B 127 15.39 2.03 -4.16
N PHE B 128 14.67 3.09 -4.51
CA PHE B 128 13.33 3.30 -4.00
C PHE B 128 12.52 2.03 -4.10
N SER B 129 12.62 1.36 -5.23
CA SER B 129 11.84 0.17 -5.46
C SER B 129 12.25 -0.91 -4.50
N ASP B 130 13.56 -1.16 -4.38
CA ASP B 130 14.05 -2.21 -3.47
C ASP B 130 13.57 -1.99 -2.05
N PHE B 131 13.79 -0.77 -1.53
CA PHE B 131 13.51 -0.47 -0.16
C PHE B 131 12.03 -0.59 0.06
N SER B 132 11.27 -0.26 -0.98
CA SER B 132 9.83 -0.28 -0.91
C SER B 132 9.30 -1.71 -0.68
N LYS B 133 9.90 -2.66 -1.38
CA LYS B 133 9.62 -4.07 -1.14
C LYS B 133 9.94 -4.49 0.31
N LEU B 134 11.03 -3.95 0.87
CA LEU B 134 11.43 -4.24 2.25
C LEU B 134 10.42 -3.73 3.25
N VAL B 135 10.21 -2.42 3.29
CA VAL B 135 9.36 -1.84 4.32
C VAL B 135 7.92 -2.30 4.16
N ARG B 136 7.56 -2.80 2.98
CA ARG B 136 6.20 -3.30 2.75
C ARG B 136 6.03 -4.79 3.12
N GLY B 137 7.09 -5.57 2.96
CA GLY B 137 7.04 -6.98 3.28
C GLY B 137 7.36 -7.24 4.74
N TYR B 138 8.17 -6.37 5.33
CA TYR B 138 8.80 -6.61 6.60
C TYR B 138 8.83 -5.32 7.45
N PRO B 139 7.70 -4.99 8.08
CA PRO B 139 7.56 -3.73 8.74
C PRO B 139 8.32 -3.71 10.05
N ASN B 140 8.42 -4.87 10.71
CA ASN B 140 9.17 -4.93 11.96
C ASN B 140 10.63 -5.35 11.76
N SER B 141 11.15 -5.16 10.56
CA SER B 141 12.55 -5.41 10.35
C SER B 141 13.41 -4.36 11.03
N GLN B 142 14.53 -4.83 11.55
CA GLN B 142 15.54 -3.96 12.10
C GLN B 142 15.94 -2.85 11.11
N TYR B 143 15.69 -3.06 9.83
CA TYR B 143 16.19 -2.15 8.82
C TYR B 143 15.10 -1.18 8.30
N THR B 144 13.85 -1.57 8.45
CA THR B 144 12.71 -0.76 8.05
C THR B 144 12.75 0.74 8.46
N THR B 145 13.21 1.06 9.66
CA THR B 145 13.25 2.48 10.01
C THR B 145 14.21 3.26 9.11
N ASP B 146 15.44 2.78 8.98
CA ASP B 146 16.40 3.49 8.18
C ASP B 146 15.95 3.55 6.73
N ALA B 147 15.50 2.41 6.24
CA ALA B 147 15.07 2.33 4.88
C ALA B 147 13.86 3.21 4.62
N THR B 148 13.12 3.57 5.65
CA THR B 148 12.02 4.50 5.45
C THR B 148 12.57 5.91 5.35
N LYS B 149 13.62 6.19 6.10
CA LYS B 149 14.23 7.51 6.02
C LYS B 149 14.83 7.68 4.65
N ARG B 150 15.39 6.61 4.14
CA ARG B 150 15.97 6.65 2.82
C ARG B 150 14.91 6.91 1.74
N LEU B 151 13.79 6.20 1.83
CA LEU B 151 12.70 6.39 0.89
C LEU B 151 12.29 7.87 0.84
N VAL B 152 12.17 8.51 2.00
CA VAL B 152 11.77 9.91 2.07
C VAL B 152 12.78 10.76 1.32
N PHE B 153 14.06 10.49 1.54
CA PHE B 153 15.11 11.21 0.86
C PHE B 153 15.06 11.00 -0.66
N LEU B 154 14.90 9.73 -1.04
CA LEU B 154 14.88 9.35 -2.43
C LEU B 154 13.69 9.95 -3.13
N LYS B 155 12.50 9.79 -2.53
CA LYS B 155 11.27 10.20 -3.19
C LYS B 155 11.37 11.64 -3.54
N ASP B 156 11.90 12.43 -2.62
CA ASP B 156 12.15 13.84 -2.87
C ASP B 156 13.17 14.08 -4.01
N ARG B 157 14.22 13.26 -4.06
CA ARG B 157 15.23 13.37 -5.12
C ARG B 157 14.64 12.97 -6.46
N LEU B 158 13.65 12.07 -6.43
CA LEU B 158 12.96 11.64 -7.64
C LEU B 158 12.04 12.72 -8.15
N ALA B 159 11.46 13.49 -7.26
CA ALA B 159 10.56 14.50 -7.69
C ALA B 159 11.29 15.73 -8.21
N LYS B 160 12.51 16.00 -7.72
CA LYS B 160 13.24 17.19 -8.22
C LYS B 160 13.49 16.98 -9.68
N TYR B 161 13.74 15.73 -10.04
CA TYR B 161 13.99 15.37 -11.42
C TYR B 161 12.83 15.77 -12.35
N GLU B 162 11.62 15.36 -11.98
CA GLU B 162 10.43 15.77 -12.71
C GLU B 162 10.44 17.28 -12.81
N TYR B 163 10.66 17.95 -11.67
CA TYR B 163 10.67 19.41 -11.70
C TYR B 163 11.67 19.94 -12.72
N SER B 164 12.90 19.43 -12.66
CA SER B 164 13.92 19.80 -13.62
C SER B 164 13.48 19.65 -15.06
N VAL B 165 12.80 18.55 -15.39
CA VAL B 165 12.33 18.38 -16.74
C VAL B 165 11.17 19.35 -17.03
N ALA B 166 10.25 19.52 -16.09
CA ALA B 166 9.15 20.45 -16.28
C ALA B 166 9.70 21.84 -16.56
N GLU B 167 10.74 22.21 -15.82
CA GLU B 167 11.34 23.52 -15.95
C GLU B 167 11.94 23.62 -17.31
N TYR B 168 12.65 22.59 -17.71
CA TYR B 168 13.34 22.55 -18.97
C TYR B 168 12.39 22.87 -20.16
N TYR B 169 11.20 22.29 -20.14
CA TYR B 169 10.24 22.54 -21.20
C TYR B 169 9.60 23.94 -21.08
N THR B 170 9.57 24.45 -19.86
CA THR B 170 9.02 25.78 -19.63
C THR B 170 9.89 26.80 -20.33
N GLU B 171 11.20 26.77 -20.04
CA GLU B 171 12.19 27.58 -20.78
C GLU B 171 12.02 27.52 -22.32
N ARG B 172 11.31 26.50 -22.80
CA ARG B 172 11.22 26.27 -24.24
C ARG B 172 9.83 26.26 -24.79
N GLY B 173 8.88 26.79 -24.05
CA GLY B 173 7.56 27.02 -24.58
C GLY B 173 6.74 25.77 -24.85
N ALA B 174 7.28 24.60 -24.48
CA ALA B 174 6.56 23.36 -24.68
C ALA B 174 5.48 23.13 -23.60
N TRP B 175 4.37 23.84 -23.73
CA TRP B 175 3.39 23.95 -22.66
C TRP B 175 2.62 22.67 -22.35
N VAL B 176 2.39 21.85 -23.37
CA VAL B 176 1.73 20.57 -23.12
C VAL B 176 2.67 19.61 -22.40
N ALA B 177 3.94 19.64 -22.74
CA ALA B 177 4.90 18.83 -22.03
C ALA B 177 4.96 19.23 -20.56
N VAL B 178 4.86 20.53 -20.28
CA VAL B 178 4.98 20.97 -18.92
C VAL B 178 3.78 20.47 -18.14
N VAL B 179 2.59 20.77 -18.65
CA VAL B 179 1.37 20.31 -18.01
C VAL B 179 1.40 18.81 -17.81
N ASN B 180 1.98 18.09 -18.77
CA ASN B 180 2.03 16.64 -18.65
C ASN B 180 2.92 16.15 -17.51
N ARG B 181 4.06 16.79 -17.32
CA ARG B 181 4.98 16.39 -16.29
C ARG B 181 4.36 16.61 -14.93
N VAL B 182 3.83 17.81 -14.72
CA VAL B 182 3.38 18.21 -13.43
C VAL B 182 2.14 17.43 -13.08
N GLU B 183 1.40 17.05 -14.08
CA GLU B 183 0.30 16.17 -13.82
C GLU B 183 0.78 14.80 -13.35
N GLY B 184 1.94 14.39 -13.82
CA GLY B 184 2.55 13.19 -13.33
C GLY B 184 3.02 13.35 -11.90
N MET B 185 3.50 14.54 -11.56
CA MET B 185 4.04 14.78 -10.23
C MET B 185 2.93 14.72 -9.23
N LEU B 186 1.75 15.16 -9.65
CA LEU B 186 0.58 15.13 -8.78
C LEU B 186 0.07 13.72 -8.54
N ARG B 187 0.33 12.83 -9.47
CA ARG B 187 -0.11 11.43 -9.36
C ARG B 187 0.86 10.61 -8.49
N ASP B 188 2.14 10.96 -8.54
CA ASP B 188 3.20 10.10 -8.01
C ASP B 188 3.90 10.68 -6.79
N TYR B 189 3.87 12.00 -6.67
CA TYR B 189 4.71 12.69 -5.70
C TYR B 189 3.99 13.92 -5.08
N PRO B 190 2.65 13.85 -4.90
CA PRO B 190 1.96 15.02 -4.40
C PRO B 190 2.52 15.50 -3.07
N ASP B 191 3.11 14.59 -2.30
CA ASP B 191 3.53 14.90 -0.94
C ASP B 191 4.97 15.44 -0.85
N THR B 192 5.57 15.75 -2.00
CA THR B 192 6.94 16.22 -2.02
C THR B 192 6.96 17.72 -2.18
N GLN B 193 8.09 18.32 -1.85
CA GLN B 193 8.32 19.76 -2.05
C GLN B 193 8.41 20.12 -3.54
N ALA B 194 9.05 19.26 -4.33
CA ALA B 194 9.23 19.50 -5.76
C ALA B 194 7.91 19.72 -6.47
N THR B 195 6.92 18.89 -6.20
CA THR B 195 5.61 19.08 -6.80
C THR B 195 5.10 20.48 -6.46
N ARG B 196 5.26 20.86 -5.20
CA ARG B 196 4.81 22.20 -4.75
C ARG B 196 5.50 23.31 -5.53
N ASP B 197 6.83 23.22 -5.65
CA ASP B 197 7.61 24.21 -6.41
C ASP B 197 7.14 24.24 -7.85
N ALA B 198 6.67 23.09 -8.34
CA ALA B 198 6.38 22.94 -9.75
C ALA B 198 4.97 23.35 -10.13
N LEU B 199 4.09 23.51 -9.16
CA LEU B 199 2.70 23.81 -9.48
C LEU B 199 2.56 25.11 -10.28
N PRO B 200 3.42 26.14 -10.01
CA PRO B 200 3.34 27.39 -10.77
C PRO B 200 3.75 27.26 -12.24
N LEU B 201 4.72 26.40 -12.55
CA LEU B 201 4.99 26.05 -13.96
C LEU B 201 3.73 25.51 -14.61
N MET B 202 3.01 24.65 -13.92
CA MET B 202 1.76 24.16 -14.48
C MET B 202 0.78 25.28 -14.70
N GLU B 203 0.68 26.19 -13.74
CA GLU B 203 -0.23 27.31 -13.91
C GLU B 203 0.22 28.22 -15.04
N ASN B 204 1.48 28.62 -15.03
CA ASN B 204 1.97 29.41 -16.13
C ASN B 204 1.61 28.77 -17.47
N ALA B 205 1.97 27.49 -17.62
CA ALA B 205 1.63 26.69 -18.80
C ALA B 205 0.19 26.84 -19.21
N TYR B 206 -0.73 26.55 -18.31
CA TYR B 206 -2.13 26.77 -18.62
C TYR B 206 -2.42 28.22 -19.10
N ARG B 207 -1.79 29.19 -18.48
CA ARG B 207 -2.05 30.57 -18.81
C ARG B 207 -1.52 30.97 -20.17
N GLN B 208 -0.38 30.40 -20.55
CA GLN B 208 0.13 30.55 -21.91
C GLN B 208 -0.84 29.97 -22.94
N MET B 209 -1.36 28.78 -22.69
CA MET B 209 -2.28 28.18 -23.65
C MET B 209 -3.71 28.64 -23.46
N GLN B 210 -3.88 29.80 -22.84
CA GLN B 210 -5.19 30.45 -22.72
C GLN B 210 -6.22 29.52 -22.10
N MET B 211 -5.81 28.76 -21.09
CA MET B 211 -6.75 27.87 -20.44
C MET B 211 -6.97 28.29 -18.98
N ASN B 212 -7.74 29.36 -18.80
CA ASN B 212 -7.80 30.01 -17.53
C ASN B 212 -8.58 29.28 -16.44
N ALA B 213 -9.69 28.64 -16.80
CA ALA B 213 -10.36 27.77 -15.83
C ALA B 213 -9.36 26.76 -15.21
N GLN B 214 -8.47 26.25 -16.02
CA GLN B 214 -7.53 25.26 -15.53
C GLN B 214 -6.39 25.92 -14.74
N ALA B 215 -5.95 27.09 -15.19
CA ALA B 215 -4.94 27.85 -14.47
C ALA B 215 -5.45 28.27 -13.10
N GLU B 216 -6.74 28.55 -13.02
CA GLU B 216 -7.37 28.96 -11.77
C GLU B 216 -7.38 27.86 -10.73
N LYS B 217 -7.69 26.64 -11.14
CA LYS B 217 -7.67 25.55 -10.20
C LYS B 217 -6.24 25.32 -9.67
N VAL B 218 -5.24 25.39 -10.54
CA VAL B 218 -3.90 25.21 -10.06
C VAL B 218 -3.55 26.30 -9.04
N ALA B 219 -3.93 27.55 -9.37
CA ALA B 219 -3.69 28.72 -8.48
C ALA B 219 -4.30 28.52 -7.09
N LYS B 220 -5.48 27.92 -7.05
CA LYS B 220 -6.18 27.56 -5.81
C LYS B 220 -5.40 26.52 -5.01
N ILE B 221 -4.62 25.71 -5.68
CA ILE B 221 -3.90 24.70 -4.97
C ILE B 221 -2.59 25.29 -4.49
N ILE B 222 -2.04 26.22 -5.29
CA ILE B 222 -0.81 26.94 -4.92
C ILE B 222 -1.08 27.80 -3.68
N ALA B 223 -2.27 28.38 -3.63
CA ALA B 223 -2.65 29.22 -2.54
C ALA B 223 -2.57 28.45 -1.23
N ALA B 224 -2.98 27.17 -1.26
CA ALA B 224 -3.09 26.41 -0.02
C ALA B 224 -1.82 25.64 0.33
N ASN B 225 -0.77 25.80 -0.45
CA ASN B 225 0.32 24.88 -0.41
C ASN B 225 1.66 25.52 -0.82
N SER B 226 1.78 26.84 -0.71
CA SER B 226 3.05 27.49 -1.09
C SER B 226 3.72 28.15 0.10
N SER B 227 4.93 27.64 0.42
CA SER B 227 5.71 28.07 1.61
C SER B 227 7.16 28.31 1.20
CA ASP C 7 -41.72 -0.25 -4.21
C ASP C 7 -40.59 0.37 -5.05
N SER C 8 -39.72 1.16 -4.41
CA SER C 8 -38.64 1.82 -5.14
C SER C 8 -37.27 1.60 -4.53
N ARG C 9 -37.15 0.64 -3.61
CA ARG C 9 -35.84 0.31 -3.04
C ARG C 9 -34.82 0.00 -4.13
N TYR C 10 -35.20 -0.83 -5.12
CA TYR C 10 -34.30 -1.17 -6.23
C TYR C 10 -33.63 0.06 -6.89
N LYS C 11 -34.26 1.22 -6.74
CA LYS C 11 -33.72 2.42 -7.38
C LYS C 11 -32.55 2.99 -6.62
N ARG C 12 -32.55 2.78 -5.30
CA ARG C 12 -31.53 3.39 -4.43
C ARG C 12 -30.38 2.44 -4.07
N GLN C 13 -30.36 1.28 -4.70
CA GLN C 13 -29.63 0.13 -4.18
C GLN C 13 -28.69 -0.52 -5.21
N VAL C 14 -27.52 -0.95 -4.74
CA VAL C 14 -26.60 -1.70 -5.58
C VAL C 14 -27.35 -2.87 -6.20
N SER C 15 -26.76 -3.46 -7.23
CA SER C 15 -27.32 -4.66 -7.86
C SER C 15 -26.73 -5.89 -7.20
N GLY C 16 -27.24 -7.07 -7.56
CA GLY C 16 -26.77 -8.32 -6.97
C GLY C 16 -27.26 -8.45 -5.55
N ASP C 17 -26.66 -9.35 -4.78
CA ASP C 17 -27.14 -9.65 -3.43
C ASP C 17 -26.13 -9.22 -2.40
N GLU C 18 -26.40 -9.57 -1.14
CA GLU C 18 -25.54 -9.18 -0.05
C GLU C 18 -24.52 -10.28 0.38
N ALA C 19 -24.45 -11.38 -0.36
CA ALA C 19 -23.60 -12.53 0.00
C ALA C 19 -22.10 -12.23 0.19
N TYR C 20 -21.61 -11.12 -0.36
CA TYR C 20 -20.21 -10.76 -0.17
C TYR C 20 -19.88 -10.35 1.26
N LEU C 21 -20.90 -9.91 1.99
CA LEU C 21 -20.74 -9.57 3.41
C LEU C 21 -20.49 -10.81 4.26
N GLU C 22 -20.80 -11.98 3.71
CA GLU C 22 -20.59 -13.26 4.38
C GLU C 22 -19.16 -13.78 4.23
N ALA C 23 -18.42 -13.23 3.28
CA ALA C 23 -17.08 -13.70 2.95
C ALA C 23 -16.18 -13.69 4.18
N ALA C 24 -15.50 -14.80 4.42
CA ALA C 24 -14.64 -14.96 5.60
C ALA C 24 -13.53 -13.90 5.65
N PRO C 25 -13.15 -13.49 6.86
CA PRO C 25 -12.00 -12.58 7.02
C PRO C 25 -10.68 -13.22 6.57
N LEU C 26 -9.79 -12.41 6.01
CA LEU C 26 -8.45 -12.86 5.59
C LEU C 26 -7.54 -12.86 6.77
N ALA C 27 -6.55 -13.74 6.74
CA ALA C 27 -5.61 -13.84 7.82
C ALA C 27 -4.21 -13.94 7.27
N GLU C 28 -3.29 -13.17 7.86
CA GLU C 28 -1.88 -13.29 7.57
C GLU C 28 -1.39 -14.71 7.87
N LEU C 29 -0.50 -15.18 7.03
CA LEU C 29 0.00 -16.54 7.09
C LEU C 29 1.07 -16.66 8.16
N HIS C 30 0.86 -17.56 9.13
CA HIS C 30 1.84 -17.81 10.20
C HIS C 30 3.12 -18.45 9.67
N ALA C 31 4.25 -17.91 10.11
CA ALA C 31 5.54 -18.43 9.68
C ALA C 31 6.13 -19.40 10.67
N PRO C 32 6.41 -20.64 10.22
CA PRO C 32 7.11 -21.65 11.02
C PRO C 32 8.41 -21.10 11.62
N ALA C 33 8.95 -21.77 12.61
CA ALA C 33 10.24 -21.38 13.15
C ALA C 33 11.32 -21.68 12.11
N GLY C 34 12.31 -20.80 11.99
CA GLY C 34 13.37 -20.97 11.00
C GLY C 34 13.04 -20.31 9.67
N MET C 35 11.84 -19.71 9.60
CA MET C 35 11.30 -19.09 8.37
C MET C 35 10.64 -17.75 8.65
N ILE C 36 10.98 -16.74 7.86
CA ILE C 36 10.27 -15.47 7.88
C ILE C 36 9.34 -15.38 6.67
N LEU C 37 8.22 -14.67 6.81
CA LEU C 37 7.25 -14.51 5.74
C LEU C 37 6.82 -13.04 5.61
N PRO C 38 6.72 -12.54 4.36
CA PRO C 38 6.31 -11.14 4.16
C PRO C 38 4.86 -10.93 4.53
N VAL C 39 4.56 -9.85 5.23
CA VAL C 39 3.17 -9.45 5.44
C VAL C 39 2.56 -9.05 4.10
N THR C 40 1.27 -9.29 3.95
CA THR C 40 0.59 -9.03 2.65
C THR C 40 0.87 -7.62 2.13
N SER C 41 1.21 -7.52 0.84
CA SER C 41 1.77 -6.28 0.32
C SER C 41 1.68 -6.16 -1.19
N GLY C 42 1.59 -4.94 -1.68
CA GLY C 42 1.51 -4.67 -3.10
C GLY C 42 0.08 -4.62 -3.56
N ASP C 43 -0.15 -5.06 -4.79
CA ASP C 43 -1.49 -5.17 -5.34
C ASP C 43 -2.18 -6.35 -4.68
N TYR C 44 -3.45 -6.18 -4.37
CA TYR C 44 -4.20 -7.18 -3.62
C TYR C 44 -4.05 -7.03 -2.11
N ALA C 45 -3.21 -6.13 -1.67
CA ALA C 45 -3.19 -5.83 -0.26
C ALA C 45 -4.33 -4.85 0.08
N ILE C 46 -5.13 -5.17 1.07
CA ILE C 46 -6.26 -4.32 1.42
C ILE C 46 -5.92 -3.52 2.67
N PRO C 47 -6.09 -2.19 2.61
CA PRO C 47 -5.74 -1.43 3.81
C PRO C 47 -6.83 -1.53 4.87
N VAL C 48 -6.42 -1.66 6.13
CA VAL C 48 -7.37 -1.65 7.24
C VAL C 48 -8.19 -0.37 7.27
N THR C 49 -9.44 -0.47 7.70
CA THR C 49 -10.30 0.71 7.76
C THR C 49 -11.15 0.81 9.02
N ASN C 50 -11.76 -0.31 9.41
CA ASN C 50 -12.82 -0.30 10.41
C ASN C 50 -14.08 0.26 9.74
N GLY C 51 -14.21 1.57 9.76
CA GLY C 51 -15.21 2.28 8.97
C GLY C 51 -15.65 3.59 9.61
N SER C 52 -16.97 3.82 9.65
CA SER C 52 -17.92 2.84 9.10
C SER C 52 -19.19 3.42 8.50
N GLY C 53 -19.31 3.35 7.18
CA GLY C 53 -20.50 3.78 6.47
C GLY C 53 -21.38 2.59 6.14
N ALA C 54 -22.50 2.84 5.47
CA ALA C 54 -23.45 1.78 5.21
C ALA C 54 -22.86 0.69 4.30
N VAL C 55 -23.35 -0.53 4.44
CA VAL C 55 -22.92 -1.58 3.54
C VAL C 55 -24.11 -2.22 2.86
N GLY C 56 -23.83 -2.99 1.81
CA GLY C 56 -24.86 -3.72 1.07
C GLY C 56 -26.06 -2.89 0.70
N LYS C 57 -27.25 -3.40 1.00
CA LYS C 57 -28.49 -2.80 0.53
C LYS C 57 -28.84 -1.52 1.28
N ALA C 58 -28.15 -1.27 2.37
CA ALA C 58 -28.40 -0.08 3.14
C ALA C 58 -27.73 1.13 2.51
N LEU C 59 -26.79 0.89 1.61
CA LEU C 59 -26.02 1.97 1.01
C LEU C 59 -26.76 2.53 -0.18
N ASP C 60 -26.98 3.83 -0.19
CA ASP C 60 -27.77 4.46 -1.25
C ASP C 60 -26.90 4.97 -2.41
N ILE C 61 -26.95 4.30 -3.55
CA ILE C 61 -26.04 4.64 -4.67
C ILE C 61 -26.56 5.66 -5.69
N ARG C 62 -27.53 6.48 -5.31
CA ARG C 62 -27.96 7.57 -6.18
C ARG C 62 -26.84 8.62 -6.25
N PRO C 63 -26.71 9.27 -7.42
CA PRO C 63 -25.68 10.30 -7.59
C PRO C 63 -25.86 11.44 -6.60
N PRO C 64 -24.75 11.90 -6.01
CA PRO C 64 -24.77 13.01 -5.08
C PRO C 64 -25.44 14.23 -5.70
N ALA C 65 -26.37 14.84 -4.95
CA ALA C 65 -27.12 16.00 -5.40
C ALA C 65 -26.27 17.25 -5.36
N GLN C 66 -25.85 17.74 -6.52
CA GLN C 66 -25.14 19.01 -6.57
CA GLN C 66 -25.10 19.00 -6.64
C GLN C 66 -26.05 20.11 -7.12
N PRO C 67 -26.16 21.22 -6.38
CA PRO C 67 -27.12 22.26 -6.76
C PRO C 67 -26.91 22.72 -8.17
N LEU C 68 -27.99 23.05 -8.87
CA LEU C 68 -27.94 23.43 -10.30
C LEU C 68 -27.81 24.93 -10.48
N ALA C 69 -27.05 25.35 -11.50
CA ALA C 69 -27.01 26.76 -11.90
C ALA C 69 -28.03 27.03 -13.00
N LEU C 70 -29.30 26.87 -12.66
CA LEU C 70 -30.40 27.13 -13.59
C LEU C 70 -30.58 28.63 -13.73
N VAL C 71 -29.51 29.39 -13.54
CA VAL C 71 -29.57 30.82 -13.75
C VAL C 71 -28.32 31.27 -14.51
N SER C 72 -28.53 31.91 -15.66
CA SER C 72 -27.43 32.26 -16.57
C SER C 72 -26.31 32.97 -15.82
N GLY C 73 -25.08 32.56 -16.09
CA GLY C 73 -23.88 33.19 -15.50
C GLY C 73 -23.90 33.21 -13.97
N ALA C 74 -24.08 32.03 -13.37
CA ALA C 74 -24.25 31.90 -11.91
C ALA C 74 -23.55 30.65 -11.39
N ARG C 75 -22.67 30.82 -10.41
CA ARG C 75 -21.97 29.67 -9.86
C ARG C 75 -22.71 29.19 -8.61
N THR C 76 -22.70 27.88 -8.37
CA THR C 76 -23.30 27.30 -7.16
C THR C 76 -22.25 26.57 -6.33
N GLN C 77 -22.60 26.22 -5.10
CA GLN C 77 -21.71 25.43 -4.25
C GLN C 77 -22.45 24.77 -3.09
N PHE C 78 -21.95 23.64 -2.65
CA PHE C 78 -22.47 22.97 -1.47
C PHE C 78 -21.36 22.69 -0.49
N THR C 79 -21.68 22.74 0.79
CA THR C 79 -20.68 22.63 1.82
C THR C 79 -21.33 22.37 3.19
N GLY C 80 -21.50 21.08 3.52
CA GLY C 80 -21.98 20.67 4.85
C GLY C 80 -23.49 20.45 4.88
N ASP C 81 -24.21 21.47 5.34
CA ASP C 81 -25.67 21.45 5.29
C ASP C 81 -26.22 22.71 4.56
N THR C 82 -25.32 23.42 3.89
CA THR C 82 -25.64 24.70 3.27
C THR C 82 -25.37 24.67 1.79
N ALA C 83 -26.40 24.75 0.98
CA ALA C 83 -26.24 25.01 -0.44
C ALA C 83 -26.40 26.50 -0.71
N SER C 84 -25.73 27.00 -1.74
CA SER C 84 -25.86 28.42 -2.12
C SER C 84 -25.70 28.67 -3.63
N LEU C 85 -26.08 29.89 -4.07
CA LEU C 85 -26.13 30.25 -5.48
C LEU C 85 -25.71 31.72 -5.69
N LEU C 86 -24.57 31.92 -6.39
CA LEU C 86 -24.04 33.27 -6.64
C LEU C 86 -24.61 33.88 -7.89
N VAL C 87 -25.69 34.62 -7.75
CA VAL C 87 -26.34 35.29 -8.86
C VAL C 87 -25.66 36.61 -9.21
N GLU C 88 -25.48 36.83 -10.51
CA GLU C 88 -24.83 38.04 -11.01
C GLU C 88 -25.89 39.08 -11.37
N ASN C 93 -29.45 44.05 -7.02
CA ASN C 93 -30.05 43.48 -5.80
C ASN C 93 -31.58 43.34 -5.88
N THR C 94 -32.26 43.49 -4.73
CA THR C 94 -33.71 43.26 -4.64
C THR C 94 -34.08 41.85 -5.18
N LEU C 95 -33.21 40.89 -4.87
CA LEU C 95 -33.44 39.49 -5.13
C LEU C 95 -34.27 38.90 -3.99
N TRP C 96 -34.20 39.54 -2.83
CA TRP C 96 -34.85 39.05 -1.66
C TRP C 96 -36.36 38.85 -1.85
N PRO C 97 -37.05 39.87 -2.42
CA PRO C 97 -38.51 39.77 -2.58
C PRO C 97 -38.87 38.73 -3.59
N GLN C 98 -38.01 38.56 -4.59
CA GLN C 98 -38.20 37.53 -5.60
C GLN C 98 -38.14 36.11 -4.99
N VAL C 99 -37.11 35.86 -4.17
CA VAL C 99 -36.99 34.59 -3.46
C VAL C 99 -38.19 34.37 -2.59
N VAL C 100 -38.59 35.41 -1.88
CA VAL C 100 -39.76 35.29 -1.02
C VAL C 100 -40.99 34.86 -1.82
N SER C 101 -41.18 35.44 -3.00
CA SER C 101 -42.31 35.03 -3.80
C SER C 101 -42.25 33.57 -4.27
N VAL C 102 -41.06 33.10 -4.63
CA VAL C 102 -40.90 31.73 -5.08
C VAL C 102 -41.25 30.76 -3.97
N LEU C 103 -40.83 31.10 -2.74
CA LEU C 103 -41.14 30.29 -1.59
C LEU C 103 -42.62 30.35 -1.31
N GLN C 104 -43.18 31.55 -1.31
CA GLN C 104 -44.62 31.68 -1.12
C GLN C 104 -45.41 30.96 -2.18
N ALA C 105 -44.87 30.96 -3.41
CA ALA C 105 -45.54 30.34 -4.56
C ALA C 105 -45.66 28.84 -4.38
N LYS C 106 -44.61 28.26 -3.82
CA LYS C 106 -44.59 26.82 -3.53
C LYS C 106 -45.36 26.48 -2.26
N ASN C 107 -45.87 27.50 -1.58
CA ASN C 107 -46.68 27.26 -0.42
C ASN C 107 -45.91 26.74 0.79
N TYR C 108 -44.66 27.18 0.93
CA TYR C 108 -43.89 26.88 2.12
C TYR C 108 -44.21 27.93 3.15
N THR C 109 -44.77 27.49 4.29
CA THR C 109 -44.96 28.38 5.42
C THR C 109 -43.64 28.99 5.86
N ILE C 110 -43.63 30.28 6.11
CA ILE C 110 -42.50 30.95 6.73
C ILE C 110 -42.87 31.20 8.16
N THR C 111 -42.00 30.84 9.10
CA THR C 111 -42.34 30.92 10.52
C THR C 111 -41.79 32.17 11.18
N GLN C 112 -40.71 32.68 10.64
CA GLN C 112 -40.17 33.97 11.05
C GLN C 112 -39.54 34.60 9.83
N ARG C 113 -39.44 35.91 9.82
CA ARG C 113 -39.02 36.61 8.62
C ARG C 113 -38.35 37.90 9.02
N ASP C 114 -37.05 38.06 8.70
CA ASP C 114 -36.36 39.33 8.93
C ASP C 114 -36.10 40.05 7.62
N ASP C 115 -37.06 40.86 7.19
CA ASP C 115 -36.95 41.54 5.91
C ASP C 115 -35.73 42.46 5.78
N ALA C 116 -35.35 43.11 6.87
CA ALA C 116 -34.15 43.94 6.86
C ALA C 116 -32.94 43.06 6.72
N GLY C 117 -32.88 41.99 7.52
CA GLY C 117 -31.77 41.02 7.48
C GLY C 117 -31.73 40.17 6.21
N GLN C 118 -32.81 40.24 5.41
CA GLN C 118 -33.00 39.35 4.25
C GLN C 118 -32.69 37.91 4.61
N THR C 119 -33.47 37.37 5.54
CA THR C 119 -33.35 36.00 6.00
C THR C 119 -34.67 35.53 6.58
N LEU C 120 -34.94 34.23 6.49
CA LEU C 120 -36.19 33.69 7.05
C LEU C 120 -36.04 32.22 7.43
N THR C 121 -37.06 31.67 8.09
CA THR C 121 -37.07 30.25 8.45
C THR C 121 -38.34 29.68 7.98
N THR C 122 -38.33 28.51 7.42
CA THR C 122 -39.57 27.90 7.02
C THR C 122 -40.12 26.95 8.04
N ASP C 123 -41.34 26.55 7.83
CA ASP C 123 -41.89 25.49 8.61
C ASP C 123 -41.38 24.27 7.94
N TRP C 124 -41.97 23.15 8.20
CA TRP C 124 -41.45 21.94 7.65
C TRP C 124 -41.96 21.91 6.30
N VAL C 125 -41.10 21.63 5.37
CA VAL C 125 -41.46 21.47 3.95
C VAL C 125 -41.59 19.99 3.54
N GLN C 126 -42.78 19.61 3.07
CA GLN C 126 -43.00 18.28 2.54
C GLN C 126 -42.40 18.09 1.15
N TRP C 127 -41.58 17.05 0.99
CA TRP C 127 -41.04 16.69 -0.31
C TRP C 127 -41.74 15.45 -0.80
N ASN C 128 -41.64 15.18 -2.10
CA ASN C 128 -42.33 14.05 -2.69
C ASN C 128 -41.71 13.58 -3.99
N ARG C 129 -40.93 12.50 -3.91
CA ARG C 129 -40.18 11.99 -5.06
C ARG C 129 -40.52 10.54 -5.32
N LEU C 130 -40.50 10.13 -6.58
CA LEU C 130 -40.89 8.75 -6.94
C LEU C 130 -39.83 7.74 -6.52
N ASP C 131 -38.63 8.22 -6.21
CA ASP C 131 -37.53 7.34 -5.90
C ASP C 131 -37.43 7.04 -4.41
N GLU C 132 -38.24 7.75 -3.62
CA GLU C 132 -38.27 7.54 -2.18
C GLU C 132 -39.45 6.66 -1.81
N ASP C 133 -39.28 5.79 -0.83
CA ASP C 133 -40.41 5.03 -0.37
C ASP C 133 -41.09 5.67 0.82
N GLU C 134 -40.31 6.15 1.77
CA GLU C 134 -40.81 7.08 2.77
C GLU C 134 -40.31 8.48 2.46
N GLN C 135 -41.24 9.42 2.38
CA GLN C 135 -40.90 10.76 1.94
C GLN C 135 -40.20 11.59 3.03
N TYR C 136 -39.45 12.60 2.60
CA TYR C 136 -38.72 13.44 3.53
C TYR C 136 -39.39 14.79 3.78
N ARG C 137 -39.20 15.33 4.99
CA ARG C 137 -39.58 16.73 5.31
C ARG C 137 -38.35 17.47 5.81
N GLY C 138 -38.26 18.75 5.48
CA GLY C 138 -37.10 19.52 5.83
C GLY C 138 -37.49 20.90 6.30
N ARG C 139 -36.64 21.49 7.10
CA ARG C 139 -36.93 22.74 7.71
C ARG C 139 -35.72 23.59 7.36
N TYR C 140 -35.95 24.78 6.79
CA TYR C 140 -34.85 25.56 6.17
C TYR C 140 -34.66 26.98 6.72
N GLN C 141 -33.41 27.45 6.72
CA GLN C 141 -33.12 28.86 6.90
C GLN C 141 -32.63 29.36 5.57
N ILE C 142 -33.44 30.21 4.93
CA ILE C 142 -33.07 30.81 3.63
C ILE C 142 -32.79 32.31 3.73
N SER C 143 -31.83 32.79 2.94
CA SER C 143 -31.42 34.19 3.02
C SER C 143 -30.64 34.65 1.82
N VAL C 144 -30.65 35.94 1.56
CA VAL C 144 -29.83 36.54 0.51
C VAL C 144 -28.76 37.46 1.09
N LYS C 145 -27.50 37.09 0.92
CA LYS C 145 -26.39 37.90 1.41
C LYS C 145 -25.86 38.80 0.31
N PRO C 146 -25.87 40.12 0.55
CA PRO C 146 -25.16 41.08 -0.32
C PRO C 146 -23.66 40.83 -0.25
N GLN C 147 -23.15 40.08 -1.22
CA GLN C 147 -21.91 39.33 -1.06
C GLN C 147 -20.85 39.87 -2.00
N GLY C 148 -21.26 40.79 -2.87
CA GLY C 148 -20.38 41.32 -3.90
C GLY C 148 -20.42 42.83 -3.94
N TYR C 149 -21.07 43.37 -4.98
CA TYR C 149 -21.80 42.57 -5.96
C TYR C 149 -20.85 41.61 -6.65
N GLN C 150 -21.24 40.34 -6.81
CA GLN C 150 -22.66 39.91 -6.85
C GLN C 150 -23.34 39.53 -5.51
N GLN C 151 -24.43 38.77 -5.62
CA GLN C 151 -25.26 38.37 -4.48
C GLN C 151 -25.30 36.85 -4.28
N ALA C 152 -25.65 36.44 -3.06
CA ALA C 152 -25.66 35.03 -2.70
C ALA C 152 -26.99 34.62 -2.12
N VAL C 153 -27.62 33.64 -2.74
CA VAL C 153 -28.80 33.02 -2.15
C VAL C 153 -28.36 31.71 -1.54
N THR C 154 -28.55 31.59 -0.21
CA THR C 154 -28.11 30.38 0.49
C THR C 154 -29.27 29.62 1.15
N VAL C 155 -29.17 28.29 1.13
CA VAL C 155 -30.16 27.44 1.73
C VAL C 155 -29.49 26.60 2.81
N LYS C 156 -29.98 26.70 4.04
CA LYS C 156 -29.49 25.87 5.11
C LYS C 156 -30.56 24.87 5.60
N LEU C 157 -30.24 23.59 5.51
CA LEU C 157 -31.10 22.56 6.06
C LEU C 157 -30.88 22.49 7.58
N LEU C 158 -31.83 22.99 8.35
CA LEU C 158 -31.71 22.95 9.79
C LEU C 158 -32.00 21.54 10.31
N ASN C 159 -33.17 20.99 9.98
CA ASN C 159 -33.51 19.64 10.41
C ASN C 159 -34.16 18.84 9.30
N LEU C 160 -33.93 17.54 9.27
CA LEU C 160 -34.47 16.71 8.22
C LEU C 160 -35.16 15.46 8.78
N GLU C 161 -36.36 15.17 8.31
CA GLU C 161 -37.17 14.11 8.91
C GLU C 161 -37.46 13.09 7.87
N GLN C 162 -37.66 11.86 8.29
CA GLN C 162 -38.24 10.86 7.41
C GLN C 162 -39.01 9.89 8.23
N ALA C 163 -40.28 9.69 7.87
CA ALA C 163 -41.15 8.81 8.62
C ALA C 163 -41.19 9.27 10.05
N GLY C 164 -41.00 10.58 10.26
CA GLY C 164 -41.09 11.18 11.59
C GLY C 164 -39.76 11.23 12.35
N LYS C 165 -38.82 10.35 11.99
CA LYS C 165 -37.52 10.25 12.65
C LYS C 165 -36.52 11.28 12.13
N PRO C 166 -35.72 11.87 13.02
CA PRO C 166 -34.68 12.76 12.52
C PRO C 166 -33.73 12.00 11.66
N VAL C 167 -33.11 12.66 10.70
CA VAL C 167 -32.01 12.06 9.95
C VAL C 167 -30.93 13.08 9.69
N ALA C 168 -29.68 12.65 9.84
CA ALA C 168 -28.57 13.57 9.83
C ALA C 168 -27.41 13.06 9.00
N ASP C 169 -27.60 12.00 8.23
CA ASP C 169 -26.47 11.51 7.44
C ASP C 169 -26.13 12.42 6.27
N ALA C 170 -24.84 12.55 5.99
CA ALA C 170 -24.40 13.47 4.97
C ALA C 170 -25.23 13.35 3.68
N ALA C 171 -25.29 12.16 3.10
CA ALA C 171 -25.94 11.97 1.81
C ALA C 171 -27.30 12.64 1.75
N SER C 172 -28.16 12.34 2.74
CA SER C 172 -29.50 12.87 2.75
C SER C 172 -29.50 14.37 2.97
N MET C 173 -28.73 14.86 3.92
CA MET C 173 -28.62 16.30 4.14
C MET C 173 -28.27 17.04 2.84
N GLN C 174 -27.40 16.45 2.01
CA GLN C 174 -27.01 17.11 0.78
C GLN C 174 -28.10 17.03 -0.28
N ARG C 175 -28.75 15.89 -0.39
CA ARG C 175 -29.85 15.74 -1.30
C ARG C 175 -30.97 16.75 -1.06
N TYR C 176 -31.29 17.01 0.20
CA TYR C 176 -32.44 17.79 0.50
C TYR C 176 -32.10 19.20 0.89
N SER C 177 -30.83 19.48 1.02
CA SER C 177 -30.42 20.85 0.95
C SER C 177 -30.43 21.26 -0.53
N THR C 178 -29.98 20.36 -1.39
CA THR C 178 -29.94 20.65 -2.80
C THR C 178 -31.32 20.78 -3.43
N GLU C 179 -32.32 20.08 -2.91
CA GLU C 179 -33.66 20.17 -3.48
C GLU C 179 -34.28 21.55 -3.31
N MET C 180 -34.11 22.13 -2.13
CA MET C 180 -34.64 23.44 -1.87
C MET C 180 -33.94 24.42 -2.80
N MET C 181 -32.61 24.34 -2.83
CA MET C 181 -31.81 25.27 -3.64
C MET C 181 -32.26 25.21 -5.09
N ASN C 182 -32.67 24.04 -5.55
CA ASN C 182 -33.14 23.89 -6.91
C ASN C 182 -34.48 24.54 -7.14
N VAL C 183 -35.47 24.20 -6.32
CA VAL C 183 -36.74 24.89 -6.35
C VAL C 183 -36.52 26.40 -6.48
N ILE C 184 -35.61 26.94 -5.70
CA ILE C 184 -35.41 28.39 -5.72
C ILE C 184 -34.84 28.86 -7.07
N SER C 185 -33.71 28.28 -7.47
CA SER C 185 -33.15 28.52 -8.81
C SER C 185 -34.21 28.50 -9.91
N ALA C 186 -34.94 27.40 -10.04
CA ALA C 186 -35.94 27.27 -11.08
C ALA C 186 -36.95 28.41 -11.03
N GLY C 187 -37.44 28.71 -9.83
CA GLY C 187 -38.34 29.83 -9.63
C GLY C 187 -37.72 31.17 -10.01
N LEU C 188 -36.41 31.31 -9.80
CA LEU C 188 -35.76 32.56 -10.15
C LEU C 188 -35.60 32.66 -11.64
N ASP C 189 -35.48 31.52 -12.29
CA ASP C 189 -35.36 31.47 -13.73
C ASP C 189 -36.70 31.79 -14.44
N LYS C 190 -37.78 31.17 -13.95
CA LYS C 190 -39.10 31.28 -14.59
C LYS C 190 -39.71 32.69 -14.51
N SER C 191 -38.88 33.67 -14.16
CA SER C 191 -39.24 35.09 -14.31
C SER C 191 -38.09 35.92 -14.94
N ALA C 192 -36.94 35.95 -14.25
CA ALA C 192 -35.75 36.69 -14.71
C ALA C 192 -35.12 36.06 -15.95
CA ASP D 7 39.48 2.62 13.69
C ASP D 7 38.90 1.61 12.73
N SER D 8 37.81 0.94 13.14
CA SER D 8 37.14 -0.01 12.27
C SER D 8 35.60 0.16 12.26
N ARG D 9 35.14 1.39 12.51
CA ARG D 9 33.71 1.76 12.38
C ARG D 9 33.21 1.57 10.96
N TYR D 10 33.98 2.06 10.00
CA TYR D 10 33.63 1.98 8.61
C TYR D 10 33.23 0.57 8.22
N LYS D 11 33.83 -0.43 8.83
CA LYS D 11 33.50 -1.82 8.50
C LYS D 11 32.03 -2.13 8.79
N ARG D 12 31.45 -1.40 9.74
CA ARG D 12 30.16 -1.77 10.35
C ARG D 12 29.03 -0.87 9.86
N GLN D 13 29.37 0.02 8.94
CA GLN D 13 28.53 1.16 8.56
C GLN D 13 28.23 1.18 7.06
N VAL D 14 27.19 1.92 6.70
CA VAL D 14 26.87 2.16 5.31
C VAL D 14 27.96 3.06 4.73
N SER D 15 28.06 3.09 3.40
CA SER D 15 28.88 4.12 2.72
C SER D 15 28.12 5.44 2.55
N GLY D 16 28.79 6.46 2.05
CA GLY D 16 28.19 7.80 1.96
C GLY D 16 28.02 8.40 3.34
N ASP D 17 27.02 9.25 3.49
CA ASP D 17 26.86 10.00 4.74
C ASP D 17 25.45 9.99 5.27
N GLU D 18 25.19 10.85 6.25
CA GLU D 18 23.94 10.82 6.98
C GLU D 18 23.05 12.00 6.61
N ALA D 19 23.32 12.61 5.47
CA ALA D 19 22.57 13.80 5.06
C ALA D 19 21.11 13.46 4.71
N TYR D 20 20.83 12.21 4.36
CA TYR D 20 19.49 11.86 4.00
C TYR D 20 18.56 11.98 5.19
N LEU D 21 19.11 11.96 6.40
CA LEU D 21 18.32 12.18 7.62
C LEU D 21 17.81 13.63 7.72
N GLU D 22 18.46 14.55 7.01
CA GLU D 22 18.02 15.94 6.94
C GLU D 22 16.76 16.10 6.07
N ALA D 23 16.49 15.12 5.20
CA ALA D 23 15.34 15.21 4.29
C ALA D 23 14.13 15.71 5.01
N ALA D 24 13.39 16.59 4.35
CA ALA D 24 12.18 17.17 4.91
C ALA D 24 11.11 16.12 4.96
N PRO D 25 10.24 16.19 5.95
CA PRO D 25 9.11 15.25 5.95
C PRO D 25 8.22 15.49 4.73
N LEU D 26 7.51 14.45 4.30
CA LEU D 26 6.57 14.60 3.23
C LEU D 26 5.22 14.86 3.86
N ALA D 27 4.36 15.60 3.18
CA ALA D 27 2.99 15.83 3.66
C ALA D 27 2.01 15.93 2.52
N GLU D 28 0.81 15.36 2.72
CA GLU D 28 -0.27 15.50 1.73
C GLU D 28 -0.52 16.97 1.40
N LEU D 29 -1.03 17.22 0.20
CA LEU D 29 -1.51 18.56 -0.17
C LEU D 29 -2.74 18.99 0.61
N HIS D 30 -2.87 20.29 0.87
CA HIS D 30 -4.10 20.82 1.36
C HIS D 30 -5.03 20.95 0.18
N ALA D 31 -6.27 20.48 0.36
CA ALA D 31 -7.32 20.70 -0.60
C ALA D 31 -7.93 22.07 -0.41
N PRO D 32 -7.88 22.91 -1.46
CA PRO D 32 -8.72 24.12 -1.52
C PRO D 32 -10.20 23.76 -1.39
N ALA D 33 -11.05 24.75 -1.11
CA ALA D 33 -12.49 24.48 -0.96
C ALA D 33 -13.13 24.09 -2.27
N GLY D 34 -13.92 23.02 -2.24
CA GLY D 34 -14.62 22.55 -3.44
C GLY D 34 -13.83 21.54 -4.25
N MET D 35 -12.69 21.13 -3.71
CA MET D 35 -11.86 20.09 -4.29
C MET D 35 -11.61 19.03 -3.24
N ILE D 36 -11.46 17.79 -3.68
CA ILE D 36 -10.89 16.75 -2.84
C ILE D 36 -9.71 16.18 -3.59
N LEU D 37 -8.68 15.75 -2.87
CA LEU D 37 -7.51 15.18 -3.51
C LEU D 37 -7.29 13.79 -2.98
N PRO D 38 -6.71 12.92 -3.77
CA PRO D 38 -6.43 11.60 -3.29
C PRO D 38 -5.27 11.57 -2.37
N VAL D 39 -5.34 10.72 -1.39
CA VAL D 39 -4.21 10.41 -0.57
C VAL D 39 -3.20 9.63 -1.34
N THR D 40 -1.99 10.14 -1.39
CA THR D 40 -0.81 9.46 -1.87
C THR D 40 -0.95 7.98 -1.79
N SER D 41 -0.89 7.32 -2.94
CA SER D 41 -1.11 5.90 -3.07
C SER D 41 -0.43 5.39 -4.28
N GLY D 42 0.00 4.14 -4.23
CA GLY D 42 0.53 3.47 -5.40
C GLY D 42 1.98 3.12 -5.25
N ASP D 43 2.75 3.37 -6.32
CA ASP D 43 4.08 2.80 -6.45
C ASP D 43 5.05 3.55 -5.57
N TYR D 44 4.88 4.86 -5.52
CA TYR D 44 5.79 5.69 -4.77
C TYR D 44 5.26 6.08 -3.39
N ALA D 45 4.21 5.41 -2.95
CA ALA D 45 3.64 5.67 -1.61
C ALA D 45 4.50 5.02 -0.54
N ILE D 46 4.68 5.70 0.59
CA ILE D 46 5.49 5.17 1.69
C ILE D 46 4.63 4.88 2.90
N PRO D 47 4.63 3.62 3.37
CA PRO D 47 3.80 3.31 4.54
C PRO D 47 4.27 4.10 5.74
N VAL D 48 3.40 4.30 6.72
CA VAL D 48 3.74 5.11 7.88
C VAL D 48 4.50 4.32 8.95
N THR D 49 5.29 5.04 9.75
CA THR D 49 5.96 4.47 10.95
C THR D 49 6.27 5.59 12.00
N ASN D 50 6.09 5.34 13.30
CA ASN D 50 5.86 3.99 13.89
C ASN D 50 7.15 3.16 14.04
N GLY D 51 8.20 3.61 13.37
CA GLY D 51 9.47 2.92 13.33
C GLY D 51 10.43 3.44 14.40
N SER D 52 11.12 2.51 15.04
CA SER D 52 12.08 2.82 16.09
C SER D 52 13.24 1.82 16.05
N GLY D 53 13.97 1.81 14.94
CA GLY D 53 15.19 1.02 14.80
C GLY D 53 16.35 1.98 14.68
N ALA D 54 17.55 1.46 14.44
CA ALA D 54 18.71 2.34 14.28
C ALA D 54 18.77 2.99 12.88
N VAL D 55 19.34 4.19 12.80
CA VAL D 55 19.51 4.90 11.52
C VAL D 55 20.94 5.41 11.25
N GLY D 56 21.24 5.62 9.96
CA GLY D 56 22.52 6.20 9.55
C GLY D 56 23.70 5.39 9.99
N LYS D 57 24.75 6.06 10.43
CA LYS D 57 26.00 5.39 10.80
C LYS D 57 25.82 4.47 12.01
N ALA D 58 24.68 4.58 12.70
CA ALA D 58 24.46 3.78 13.92
C ALA D 58 23.74 2.49 13.65
N LEU D 59 23.66 2.10 12.38
CA LEU D 59 23.00 0.86 12.04
C LEU D 59 24.02 -0.14 11.55
N ASP D 60 24.07 -1.29 12.20
CA ASP D 60 25.07 -2.28 11.88
C ASP D 60 24.67 -3.00 10.63
N ILE D 61 25.48 -2.85 9.59
CA ILE D 61 25.15 -3.47 8.31
C ILE D 61 25.97 -4.73 8.03
N ARG D 62 26.44 -5.38 9.10
CA ARG D 62 27.25 -6.60 8.93
C ARG D 62 26.36 -7.77 8.65
N PRO D 63 26.85 -8.75 7.89
CA PRO D 63 26.05 -9.89 7.49
C PRO D 63 25.67 -10.69 8.71
N PRO D 64 24.38 -10.68 9.06
CA PRO D 64 23.91 -11.36 10.28
C PRO D 64 24.30 -12.82 10.24
N ALA D 65 24.84 -13.31 11.35
CA ALA D 65 25.38 -14.67 11.38
C ALA D 65 24.39 -15.70 11.94
N GLN D 66 24.22 -16.77 11.19
CA GLN D 66 23.40 -17.88 11.64
CA GLN D 66 23.38 -17.88 11.62
C GLN D 66 24.31 -19.04 12.04
N PRO D 67 23.88 -19.83 13.04
CA PRO D 67 24.67 -20.94 13.55
C PRO D 67 25.03 -21.92 12.44
N LEU D 68 26.28 -22.32 12.38
CA LEU D 68 26.74 -23.22 11.34
C LEU D 68 26.57 -24.67 11.73
N ALA D 69 25.91 -25.45 10.87
CA ALA D 69 25.73 -26.88 11.09
C ALA D 69 26.99 -27.65 10.69
N LEU D 70 28.06 -27.45 11.46
CA LEU D 70 29.36 -28.07 11.17
C LEU D 70 29.37 -29.57 11.40
N VAL D 71 28.58 -30.05 12.38
CA VAL D 71 28.40 -31.50 12.61
C VAL D 71 27.65 -32.20 11.46
N SER D 72 28.10 -33.41 11.09
CA SER D 72 27.51 -34.14 9.95
C SER D 72 25.98 -34.22 10.02
N GLY D 73 25.33 -33.74 8.95
CA GLY D 73 23.88 -33.75 8.85
C GLY D 73 23.19 -33.26 10.12
N ALA D 74 23.77 -32.24 10.75
CA ALA D 74 23.10 -31.58 11.86
C ALA D 74 22.18 -30.50 11.33
N ARG D 75 21.35 -29.94 12.19
CA ARG D 75 20.40 -28.90 11.80
C ARG D 75 20.39 -27.81 12.85
N THR D 76 20.48 -26.55 12.42
CA THR D 76 20.52 -25.42 13.36
C THR D 76 19.36 -24.45 13.15
N GLN D 77 19.26 -23.46 14.04
CA GLN D 77 18.35 -22.35 13.86
C GLN D 77 18.41 -21.43 15.07
N PHE D 78 18.13 -20.15 14.86
CA PHE D 78 18.21 -19.17 15.93
C PHE D 78 16.90 -18.41 16.06
N THR D 79 16.59 -17.97 17.27
CA THR D 79 15.38 -17.19 17.56
C THR D 79 15.54 -16.37 18.83
N GLY D 80 15.20 -15.11 18.80
CA GLY D 80 15.26 -14.35 20.03
C GLY D 80 16.65 -14.41 20.59
N ASP D 81 16.80 -15.09 21.72
CA ASP D 81 18.12 -15.13 22.31
C ASP D 81 18.65 -16.51 22.30
N THR D 82 18.04 -17.41 21.57
CA THR D 82 18.50 -18.74 21.64
C THR D 82 19.04 -19.25 20.34
N ALA D 83 20.17 -19.93 20.41
CA ALA D 83 20.69 -20.73 19.31
C ALA D 83 20.57 -22.24 19.63
N SER D 84 20.56 -23.08 18.59
CA SER D 84 20.23 -24.50 18.78
C SER D 84 20.85 -25.41 17.73
N LEU D 85 21.27 -26.60 18.16
CA LEU D 85 21.87 -27.58 17.28
C LEU D 85 21.16 -28.92 17.42
N LEU D 86 20.87 -29.58 16.30
CA LEU D 86 20.18 -30.88 16.32
C LEU D 86 20.98 -31.99 15.68
N VAL D 87 21.22 -33.06 16.46
CA VAL D 87 21.99 -34.22 16.00
C VAL D 87 21.61 -35.49 16.75
N GLU D 88 22.29 -36.60 16.41
CA GLU D 88 22.23 -37.86 17.19
C GLU D 88 23.40 -38.79 16.88
N ASN D 93 22.43 -42.70 24.50
CA ASN D 93 23.63 -41.88 24.32
C ASN D 93 23.59 -40.51 25.07
N THR D 94 24.77 -40.05 25.49
CA THR D 94 24.92 -38.69 26.03
C THR D 94 26.16 -37.99 25.45
N LEU D 95 26.03 -36.68 25.19
CA LEU D 95 27.15 -35.86 24.73
C LEU D 95 27.26 -34.56 25.53
N TRP D 96 26.53 -34.49 26.63
CA TRP D 96 26.61 -33.35 27.54
C TRP D 96 28.02 -33.09 28.09
N PRO D 97 28.73 -34.16 28.50
CA PRO D 97 30.10 -34.00 28.99
C PRO D 97 31.04 -33.60 27.86
N GLN D 98 30.68 -33.97 26.63
CA GLN D 98 31.48 -33.63 25.47
C GLN D 98 31.46 -32.11 25.26
N VAL D 99 30.27 -31.53 25.44
CA VAL D 99 30.07 -30.10 25.38
C VAL D 99 30.83 -29.39 26.50
N VAL D 100 30.69 -29.91 27.72
CA VAL D 100 31.46 -29.40 28.85
C VAL D 100 32.97 -29.45 28.62
N SER D 101 33.46 -30.53 28.02
CA SER D 101 34.87 -30.59 27.65
C SER D 101 35.26 -29.38 26.82
N VAL D 102 34.40 -29.00 25.87
CA VAL D 102 34.69 -27.90 24.94
C VAL D 102 34.75 -26.56 25.67
N LEU D 103 33.71 -26.29 26.44
CA LEU D 103 33.66 -25.06 27.20
C LEU D 103 34.92 -24.93 28.03
N GLN D 104 35.28 -26.01 28.71
CA GLN D 104 36.40 -25.97 29.64
C GLN D 104 37.71 -25.69 28.90
N ALA D 105 37.87 -26.32 27.74
CA ALA D 105 39.04 -26.14 26.90
C ALA D 105 39.21 -24.69 26.46
N LYS D 106 38.12 -23.98 26.28
CA LYS D 106 38.10 -22.62 25.78
C LYS D 106 38.24 -21.63 26.88
N ASN D 107 38.17 -22.14 28.10
CA ASN D 107 38.49 -21.35 29.29
C ASN D 107 37.33 -20.51 29.74
N TYR D 108 36.14 -21.07 29.68
CA TYR D 108 34.98 -20.33 30.07
C TYR D 108 34.66 -20.68 31.48
N THR D 109 34.73 -19.71 32.36
CA THR D 109 34.41 -19.91 33.76
C THR D 109 32.95 -20.36 33.93
N ILE D 110 32.73 -21.40 34.73
CA ILE D 110 31.38 -21.91 34.92
C ILE D 110 30.87 -21.68 36.35
N THR D 111 29.68 -21.06 36.49
CA THR D 111 29.16 -20.66 37.80
C THR D 111 27.97 -21.49 38.28
N GLN D 112 27.35 -22.24 37.40
CA GLN D 112 26.19 -23.04 37.78
C GLN D 112 26.14 -24.28 36.88
N ARG D 113 26.28 -25.45 37.49
CA ARG D 113 26.32 -26.69 36.73
C ARG D 113 25.40 -27.76 37.31
N ASP D 114 24.75 -28.52 36.42
CA ASP D 114 23.84 -29.58 36.81
C ASP D 114 23.95 -30.71 35.79
N ASP D 115 24.86 -31.64 36.03
CA ASP D 115 25.10 -32.74 35.09
C ASP D 115 23.86 -33.63 34.90
N ALA D 116 22.98 -33.62 35.91
CA ALA D 116 21.74 -34.41 35.87
C ALA D 116 20.72 -33.86 34.86
N GLY D 117 20.27 -32.62 35.09
CA GLY D 117 19.38 -31.94 34.13
C GLY D 117 20.15 -31.31 32.97
N GLN D 118 21.43 -31.67 32.85
CA GLN D 118 22.31 -31.24 31.75
C GLN D 118 22.23 -29.74 31.46
N THR D 119 22.45 -28.93 32.49
CA THR D 119 22.39 -27.47 32.39
C THR D 119 23.54 -26.82 33.11
N LEU D 120 24.06 -25.75 32.52
CA LEU D 120 25.07 -24.94 33.19
C LEU D 120 25.00 -23.48 32.77
N THR D 121 25.39 -22.59 33.66
CA THR D 121 25.40 -21.17 33.39
C THR D 121 26.85 -20.69 33.47
N THR D 122 27.27 -19.89 32.50
CA THR D 122 28.66 -19.39 32.48
C THR D 122 28.77 -18.07 33.21
N ASP D 123 29.98 -17.67 33.54
CA ASP D 123 30.22 -16.32 33.97
C ASP D 123 30.33 -15.51 32.69
N TRP D 124 30.88 -14.30 32.81
CA TRP D 124 31.17 -13.46 31.66
C TRP D 124 32.23 -14.09 30.72
N VAL D 125 31.85 -14.27 29.47
CA VAL D 125 32.73 -14.82 28.45
C VAL D 125 33.16 -13.70 27.53
N GLN D 126 34.47 -13.52 27.36
CA GLN D 126 35.00 -12.41 26.59
C GLN D 126 35.19 -12.79 25.12
N TRP D 127 34.76 -11.90 24.22
CA TRP D 127 34.91 -12.11 22.79
C TRP D 127 35.87 -11.09 22.24
N ASN D 128 36.50 -11.44 21.14
CA ASN D 128 37.33 -10.49 20.45
C ASN D 128 37.20 -10.66 18.95
N ARG D 129 36.65 -9.65 18.27
CA ARG D 129 36.56 -9.68 16.81
C ARG D 129 37.34 -8.54 16.19
N LEU D 130 37.98 -8.82 15.06
CA LEU D 130 38.80 -7.83 14.39
C LEU D 130 37.98 -6.69 13.87
N ASP D 131 36.67 -6.90 13.76
CA ASP D 131 35.79 -5.92 13.16
C ASP D 131 35.04 -5.10 14.17
N GLU D 132 35.41 -5.23 15.45
CA GLU D 132 34.81 -4.41 16.50
C GLU D 132 35.81 -3.42 17.02
N ASP D 133 35.32 -2.37 17.66
CA ASP D 133 36.19 -1.34 18.22
C ASP D 133 36.10 -1.39 19.73
N GLU D 134 35.02 -1.98 20.19
CA GLU D 134 34.79 -2.24 21.59
C GLU D 134 34.21 -3.63 21.65
N GLN D 135 34.97 -4.58 22.18
CA GLN D 135 34.59 -5.98 22.19
C GLN D 135 33.40 -6.25 23.12
N TYR D 136 32.83 -7.46 23.05
CA TYR D 136 31.63 -7.80 23.85
C TYR D 136 31.91 -8.89 24.89
N ARG D 137 30.98 -9.02 25.85
CA ARG D 137 31.00 -10.13 26.84
C ARG D 137 29.61 -10.73 26.97
N GLY D 138 29.52 -12.04 27.20
CA GLY D 138 28.22 -12.69 27.29
C GLY D 138 28.10 -13.58 28.49
N ARG D 139 26.88 -13.79 28.94
CA ARG D 139 26.59 -14.83 29.91
C ARG D 139 25.62 -15.80 29.25
N TYR D 140 25.85 -17.10 29.43
CA TYR D 140 25.11 -18.09 28.63
C TYR D 140 24.50 -19.20 29.45
N GLN D 141 23.35 -19.67 29.00
CA GLN D 141 22.73 -20.87 29.56
C GLN D 141 22.91 -21.94 28.54
N ILE D 142 23.77 -22.88 28.82
CA ILE D 142 23.97 -23.97 27.87
C ILE D 142 23.40 -25.27 28.39
N SER D 143 22.61 -25.93 27.54
CA SER D 143 21.90 -27.14 27.92
C SER D 143 21.89 -28.15 26.78
N VAL D 144 21.78 -29.42 27.11
CA VAL D 144 21.49 -30.45 26.12
C VAL D 144 20.17 -31.13 26.42
N LYS D 145 19.22 -30.97 25.50
CA LYS D 145 17.89 -31.55 25.63
C LYS D 145 17.75 -32.77 24.70
N PRO D 146 17.23 -33.87 25.25
CA PRO D 146 16.89 -35.02 24.41
C PRO D 146 15.55 -34.75 23.72
N GLN D 147 15.41 -35.15 22.46
CA GLN D 147 14.15 -34.93 21.72
C GLN D 147 13.68 -36.18 20.96
N GLY D 148 13.54 -36.08 19.65
CA GLY D 148 13.36 -37.28 18.83
C GLY D 148 14.66 -38.08 18.87
N TYR D 149 15.52 -37.73 19.80
CA TYR D 149 16.88 -38.23 19.83
C TYR D 149 17.49 -38.46 18.46
N GLN D 150 18.04 -37.41 17.86
CA GLN D 150 17.73 -36.05 18.23
C GLN D 150 18.14 -35.60 19.60
N GLN D 151 19.38 -35.17 19.72
CA GLN D 151 19.81 -34.42 20.89
C GLN D 151 19.97 -32.95 20.53
N ALA D 152 19.41 -32.09 21.38
CA ALA D 152 19.32 -30.66 21.10
C ALA D 152 20.20 -29.81 22.04
N VAL D 153 21.30 -29.28 21.50
CA VAL D 153 22.15 -28.34 22.24
C VAL D 153 21.63 -26.93 22.06
N THR D 154 21.32 -26.25 23.16
CA THR D 154 20.76 -24.91 23.07
C THR D 154 21.63 -23.89 23.78
N VAL D 155 21.94 -22.80 23.08
CA VAL D 155 22.68 -21.70 23.67
C VAL D 155 21.77 -20.51 23.86
N LYS D 156 21.66 -20.03 25.10
CA LYS D 156 20.83 -18.87 25.39
C LYS D 156 21.67 -17.76 25.99
N LEU D 157 21.62 -16.59 25.34
CA LEU D 157 22.38 -15.43 25.76
C LEU D 157 21.65 -14.66 26.87
N LEU D 158 22.19 -14.69 28.08
CA LEU D 158 21.52 -14.07 29.21
C LEU D 158 21.80 -12.57 29.33
N ASN D 159 23.07 -12.18 29.21
CA ASN D 159 23.49 -10.78 29.29
C ASN D 159 24.54 -10.48 28.27
N LEU D 160 24.52 -9.27 27.72
CA LEU D 160 25.46 -8.90 26.69
C LEU D 160 25.97 -7.50 26.96
N GLU D 161 27.26 -7.37 27.23
CA GLU D 161 27.85 -6.06 27.48
C GLU D 161 28.75 -5.62 26.37
N GLN D 162 28.91 -4.31 26.23
CA GLN D 162 29.90 -3.78 25.36
C GLN D 162 30.72 -2.78 26.10
N ALA D 163 31.98 -3.13 26.33
CA ALA D 163 32.90 -2.26 27.06
C ALA D 163 32.23 -1.56 28.25
N GLY D 164 31.30 -2.26 28.93
CA GLY D 164 30.63 -1.69 30.10
C GLY D 164 29.11 -1.64 30.00
N LYS D 165 28.60 -0.83 29.07
CA LYS D 165 27.15 -0.71 28.89
C LYS D 165 26.44 -2.07 28.61
N PRO D 166 25.31 -2.32 29.30
CA PRO D 166 24.41 -3.42 28.91
C PRO D 166 23.87 -3.22 27.50
N VAL D 167 23.48 -4.29 26.84
CA VAL D 167 23.17 -4.24 25.42
C VAL D 167 22.08 -5.24 25.05
N ALA D 168 21.13 -4.82 24.20
CA ALA D 168 19.96 -5.64 23.91
C ALA D 168 19.54 -5.71 22.45
N ASP D 169 20.10 -4.86 21.59
CA ASP D 169 19.63 -4.85 20.20
C ASP D 169 19.67 -6.24 19.52
N ALA D 170 18.57 -6.62 18.91
CA ALA D 170 18.45 -7.94 18.27
C ALA D 170 19.72 -8.40 17.55
N ALA D 171 20.22 -7.58 16.63
CA ALA D 171 21.35 -7.99 15.77
C ALA D 171 22.60 -8.44 16.56
N SER D 172 22.91 -7.71 17.63
CA SER D 172 24.01 -8.08 18.52
C SER D 172 23.71 -9.41 19.19
N MET D 173 22.45 -9.63 19.53
CA MET D 173 22.05 -10.87 20.15
C MET D 173 22.27 -12.04 19.21
N GLN D 174 21.93 -11.87 17.94
CA GLN D 174 22.19 -12.93 17.01
C GLN D 174 23.70 -13.23 16.85
N ARG D 175 24.51 -12.17 16.79
CA ARG D 175 25.96 -12.33 16.54
C ARG D 175 26.63 -13.12 17.65
N TYR D 176 26.30 -12.77 18.89
CA TYR D 176 27.02 -13.26 20.03
C TYR D 176 26.31 -14.38 20.78
N SER D 177 25.26 -14.92 20.18
CA SER D 177 24.84 -16.27 20.50
C SER D 177 25.47 -17.19 19.51
N THR D 178 25.35 -16.86 18.25
CA THR D 178 26.00 -17.62 17.21
C THR D 178 27.51 -17.80 17.49
N GLU D 179 28.16 -16.78 18.05
CA GLU D 179 29.57 -16.90 18.37
C GLU D 179 29.80 -18.10 19.29
N MET D 180 28.99 -18.20 20.32
CA MET D 180 29.13 -19.25 21.29
C MET D 180 28.70 -20.58 20.72
N MET D 181 27.54 -20.61 20.07
CA MET D 181 27.08 -21.83 19.41
C MET D 181 28.11 -22.35 18.41
N ASN D 182 28.68 -21.46 17.62
CA ASN D 182 29.61 -21.86 16.60
C ASN D 182 30.87 -22.45 17.21
N VAL D 183 31.26 -21.90 18.35
CA VAL D 183 32.38 -22.44 19.09
C VAL D 183 32.08 -23.86 19.55
N ILE D 184 30.88 -24.05 20.10
CA ILE D 184 30.44 -25.38 20.53
C ILE D 184 30.38 -26.38 19.39
N SER D 185 29.92 -25.95 18.21
CA SER D 185 29.75 -26.87 17.09
C SER D 185 31.07 -27.24 16.48
N ALA D 186 32.01 -26.31 16.46
CA ALA D 186 33.36 -26.66 16.07
C ALA D 186 33.90 -27.69 17.06
N GLY D 187 33.44 -27.57 18.31
CA GLY D 187 33.90 -28.46 19.36
C GLY D 187 33.47 -29.87 19.07
N LEU D 188 32.17 -30.10 19.04
CA LEU D 188 31.63 -31.41 18.84
C LEU D 188 32.11 -32.03 17.56
N ASP D 189 32.29 -31.19 16.54
CA ASP D 189 32.78 -31.64 15.26
C ASP D 189 34.15 -32.27 15.37
N LYS D 190 35.17 -31.48 15.77
CA LYS D 190 36.54 -32.01 15.86
C LYS D 190 36.64 -33.27 16.72
N SER D 191 36.01 -33.26 17.89
CA SER D 191 36.14 -34.39 18.84
C SER D 191 35.31 -35.60 18.41
N ALA D 192 34.53 -35.44 17.35
CA ALA D 192 33.83 -36.56 16.74
C ALA D 192 34.61 -37.15 15.55
N THR D 193 35.40 -36.31 14.89
CA THR D 193 36.24 -36.74 13.74
C THR D 193 37.53 -37.46 14.18
N ASP D 194 38.26 -36.86 15.12
CA ASP D 194 39.44 -37.51 15.70
C ASP D 194 39.09 -38.40 16.90
N ALA D 195 37.84 -38.85 16.94
CA ALA D 195 37.49 -40.04 17.68
C ALA D 195 37.15 -41.12 16.65
N ALA D 196 37.76 -41.02 15.47
CA ALA D 196 37.55 -41.99 14.37
C ALA D 196 38.88 -42.41 13.72
#